data_5Y1Q
#
_entry.id   5Y1Q
#
_cell.length_a   76.128
_cell.length_b   109.609
_cell.length_c   113.138
_cell.angle_alpha   90.000
_cell.angle_beta   90.000
_cell.angle_gamma   90.000
#
_symmetry.space_group_name_H-M   'P 21 21 21'
#
loop_
_entity.id
_entity.type
_entity.pdbx_description
1 polymer 'M1 family aminopeptidase'
2 non-polymer 'ZINC ION'
3 non-polymer 'MAGNESIUM ION'
4 non-polymer (2S)-2-[(3-chlorophenyl)methylcarbamoylamino]-4-methyl-N-oxidanyl-pentanamide
5 water water
#
_entity_poly.entity_id   1
_entity_poly.type   'polypeptide(L)'
_entity_poly.pdbx_seq_one_letter_code
;MGSSHHHHHHSSGLVPRGSHMASEPKIHYRKDYKPSGFIINNVTLNINIHDNETIVRSVLDMDISKHNVGEDLVFDGVGL
KINEISINNKKLVEGEEYTYDNEFLTIFSKFVPKSKFAFSSEVIIHPETNYALTGLYKSKNIIVSQCEATGFRRITFFID
RPDMMAKYDVTVTADKEKYPVLLSNGDKVNEFEIPGGRHGARFNDPHLKPCYLFAVVAGDLKHLSATYITKYTKKKVELY
VFSEEKYVSKLQWALECLKKSMAFDEDYFGLEYDLSRLNLVAVSDFNVGAMENKGLNIFNANSLLASKKNSIDFSYARIL
TVVGHEYFHNYTGNRVTLRDWFQLTLKEGLTVHRENLFSEEMTKTVTTRLSHVDLLRSVQFLEDSSPLSHPIRPESYVSM
ENFYTTTVYDKGSEVMRMYLTILGEEYYKKGFDIYIKKNDGNTATCEDFNYAMEQAYKMKKADNSANLNQYLLWFSQSGT
PHVSFKYNYDAEKKQYSIHVNQYTKPDENQKEKKPLFIPISVGLINPENGKEMISQTTLELTKESDTFVFNNIAVKPIPS
LFRGFSAPVYIEDNLTDEERILLLKYDSDAFVRYNSCTNIYMKQILMNYNEFLKAKNEKLESFNLTPVNAQFIDAIKYLL
EDPHADAGFKSYIVSLPQDRYIINFVSNLDTDVLADTKEYIYKQIGDKLNDVYYKMFKSLEAKADDLTYFNDESHVDFDQ
MNMRTLRNTLLSLLSKAQYPNILNEIIEHSKSPYPSNWLTSLSVSAYFDKYFELYDKTYKLSKDDELLLQEWLKTVSRSD
RKDIYEILKKLENEVLKDSKNPNDIRAVYLPFTNNLRRFHDISGKGYKLIAEVITKTDKFNPMVATQLCEPFKLWNKLDT
KRQELMLNEMNTMLQEPNISNNLKEYLLRLTNKL
;
_entity_poly.pdbx_strand_id   A
#
loop_
_chem_comp.id
_chem_comp.type
_chem_comp.name
_chem_comp.formula
8L0 non-polymer (2S)-2-[(3-chlorophenyl)methylcarbamoylamino]-4-methyl-N-oxidanyl-pentanamide 'C14 H20 Cl N3 O3'
MG non-polymer 'MAGNESIUM ION' 'Mg 2'
ZN non-polymer 'ZINC ION' 'Zn 2'
#
# COMPACT_ATOMS: atom_id res chain seq x y z
N PRO A 25 -19.56 1.10 23.24
CA PRO A 25 -18.88 1.22 21.92
C PRO A 25 -19.50 0.31 20.81
N LYS A 26 -19.74 0.84 19.58
CA LYS A 26 -20.38 0.04 18.49
C LYS A 26 -19.46 -0.96 17.67
N ILE A 27 -19.37 -2.20 18.17
CA ILE A 27 -18.45 -3.22 17.66
C ILE A 27 -19.20 -4.18 16.75
N HIS A 28 -18.73 -4.35 15.51
CA HIS A 28 -19.28 -5.41 14.64
C HIS A 28 -18.36 -6.62 14.67
N TYR A 29 -18.95 -7.83 14.67
CA TYR A 29 -18.25 -9.10 14.83
C TYR A 29 -18.48 -9.98 13.62
N ARG A 30 -17.43 -10.65 13.17
CA ARG A 30 -17.44 -11.36 11.90
C ARG A 30 -18.45 -12.49 11.92
N LYS A 31 -18.54 -13.15 13.06
CA LYS A 31 -19.45 -14.30 13.23
C LYS A 31 -20.95 -13.91 13.19
N ASP A 32 -21.25 -12.61 13.40
CA ASP A 32 -22.65 -12.11 13.43
C ASP A 32 -23.22 -11.81 12.05
N TYR A 33 -22.46 -12.00 10.97
CA TYR A 33 -23.01 -11.75 9.64
C TYR A 33 -24.38 -12.42 9.43
N LYS A 34 -25.34 -11.62 8.94
CA LYS A 34 -26.72 -12.07 8.60
C LYS A 34 -27.12 -11.37 7.33
N PRO A 35 -27.72 -12.09 6.40
CA PRO A 35 -28.23 -11.34 5.25
C PRO A 35 -29.38 -10.39 5.65
N SER A 36 -29.53 -9.31 4.88
CA SER A 36 -30.56 -8.29 5.11
C SER A 36 -31.95 -8.81 4.87
N GLY A 37 -32.89 -8.30 5.65
CA GLY A 37 -34.31 -8.43 5.38
C GLY A 37 -34.82 -7.73 4.14
N PHE A 38 -34.01 -6.93 3.44
CA PHE A 38 -34.43 -6.23 2.27
C PHE A 38 -33.54 -6.48 1.06
N ILE A 39 -34.05 -6.18 -0.10
CA ILE A 39 -33.31 -6.24 -1.35
C ILE A 39 -33.51 -4.89 -2.02
N ILE A 40 -32.46 -4.40 -2.63
CA ILE A 40 -32.53 -3.21 -3.45
C ILE A 40 -32.14 -3.73 -4.84
N ASN A 41 -33.04 -3.69 -5.83
CA ASN A 41 -32.73 -4.09 -7.20
C ASN A 41 -32.21 -2.99 -8.12
N ASN A 42 -32.79 -1.79 -8.03
CA ASN A 42 -32.46 -0.65 -8.90
C ASN A 42 -32.32 0.64 -8.11
N VAL A 43 -31.38 1.47 -8.51
CA VAL A 43 -31.15 2.76 -7.92
C VAL A 43 -31.23 3.73 -9.09
N THR A 44 -32.12 4.72 -8.99
CA THR A 44 -32.26 5.74 -9.97
C THR A 44 -31.95 7.07 -9.26
N LEU A 45 -30.82 7.68 -9.63
CA LEU A 45 -30.38 8.92 -9.02
C LEU A 45 -30.43 10.12 -9.95
N ASN A 46 -30.78 11.27 -9.37
CA ASN A 46 -30.60 12.58 -9.95
C ASN A 46 -29.77 13.42 -8.97
N ILE A 47 -28.61 13.84 -9.43
CA ILE A 47 -27.64 14.56 -8.63
C ILE A 47 -27.53 15.92 -9.27
N ASN A 48 -28.08 16.91 -8.59
CA ASN A 48 -28.15 18.26 -9.14
C ASN A 48 -27.18 19.13 -8.40
N ILE A 49 -26.12 19.49 -9.08
CA ILE A 49 -25.02 20.21 -8.44
C ILE A 49 -25.26 21.71 -8.63
N HIS A 50 -25.26 22.47 -7.55
CA HIS A 50 -25.22 23.95 -7.58
C HIS A 50 -24.06 24.50 -6.76
N ASP A 51 -23.85 25.81 -6.83
CA ASP A 51 -22.69 26.44 -6.12
C ASP A 51 -22.62 26.17 -4.62
N ASN A 52 -23.74 26.36 -3.92
CA ASN A 52 -23.84 26.23 -2.46
C ASN A 52 -24.64 25.06 -1.97
N GLU A 53 -25.04 24.14 -2.83
CA GLU A 53 -25.71 22.93 -2.39
C GLU A 53 -25.79 21.90 -3.53
N THR A 54 -25.93 20.63 -3.20
CA THR A 54 -26.15 19.63 -4.22
C THR A 54 -27.38 18.87 -3.76
N ILE A 55 -28.30 18.64 -4.70
CA ILE A 55 -29.58 18.07 -4.34
C ILE A 55 -29.57 16.68 -4.94
N VAL A 56 -29.92 15.67 -4.15
CA VAL A 56 -29.86 14.29 -4.60
C VAL A 56 -31.23 13.69 -4.40
N ARG A 57 -31.83 13.33 -5.53
CA ARG A 57 -33.11 12.65 -5.60
C ARG A 57 -32.84 11.18 -5.87
N SER A 58 -33.45 10.29 -5.11
CA SER A 58 -33.19 8.90 -5.27
C SER A 58 -34.40 7.98 -5.17
N VAL A 59 -34.53 7.08 -6.14
CA VAL A 59 -35.55 6.06 -6.12
C VAL A 59 -34.91 4.72 -5.99
N LEU A 60 -35.21 3.98 -4.94
CA LEU A 60 -34.79 2.62 -4.74
C LEU A 60 -35.99 1.76 -5.00
N ASP A 61 -35.90 0.82 -5.94
CA ASP A 61 -36.92 -0.18 -6.17
C ASP A 61 -36.50 -1.38 -5.34
N MET A 62 -37.31 -1.67 -4.33
CA MET A 62 -36.92 -2.51 -3.25
C MET A 62 -37.85 -3.69 -3.16
N ASP A 63 -37.44 -4.65 -2.39
CA ASP A 63 -38.26 -5.79 -2.09
C ASP A 63 -37.93 -6.31 -0.72
N ILE A 64 -38.77 -7.21 -0.28
CA ILE A 64 -38.62 -7.91 0.95
C ILE A 64 -37.86 -9.22 0.69
N SER A 65 -36.86 -9.55 1.53
CA SER A 65 -36.10 -10.81 1.34
C SER A 65 -36.71 -11.95 2.16
N LYS A 66 -36.32 -13.15 1.83
CA LYS A 66 -36.79 -14.33 2.58
C LYS A 66 -36.30 -14.37 4.04
N HIS A 67 -35.30 -13.52 4.40
CA HIS A 67 -34.82 -13.42 5.80
C HIS A 67 -35.59 -12.37 6.64
N ASN A 68 -36.54 -11.69 6.01
CA ASN A 68 -37.30 -10.61 6.63
C ASN A 68 -38.22 -11.20 7.70
N VAL A 69 -38.30 -10.53 8.84
CA VAL A 69 -39.11 -10.95 9.99
C VAL A 69 -40.01 -9.78 10.48
N GLY A 70 -40.49 -8.95 9.56
CA GLY A 70 -41.31 -7.78 9.92
C GLY A 70 -40.57 -6.62 10.57
N GLU A 71 -39.25 -6.57 10.44
CA GLU A 71 -38.44 -5.51 11.07
C GLU A 71 -38.70 -4.15 10.43
N ASP A 72 -38.40 -3.09 11.19
CA ASP A 72 -38.34 -1.72 10.65
C ASP A 72 -37.37 -1.70 9.46
N LEU A 73 -37.58 -0.79 8.53
CA LEU A 73 -36.63 -0.55 7.45
C LEU A 73 -35.64 0.53 7.90
N VAL A 74 -34.36 0.18 8.05
CA VAL A 74 -33.33 1.10 8.51
C VAL A 74 -32.29 1.35 7.37
N PHE A 75 -32.17 2.61 6.98
CA PHE A 75 -31.22 3.01 5.97
C PHE A 75 -30.09 3.76 6.65
N ASP A 76 -28.87 3.56 6.18
CA ASP A 76 -27.78 4.44 6.58
C ASP A 76 -27.92 5.75 5.84
N GLY A 77 -27.71 6.89 6.54
CA GLY A 77 -27.67 8.18 5.94
C GLY A 77 -27.00 9.19 6.88
N VAL A 78 -25.81 9.70 6.51
CA VAL A 78 -24.97 10.46 7.45
C VAL A 78 -24.88 11.92 6.97
N GLY A 79 -25.40 12.83 7.79
CA GLY A 79 -25.27 14.28 7.53
C GLY A 79 -26.18 14.77 6.41
N LEU A 80 -27.28 14.06 6.18
CA LEU A 80 -28.15 14.36 5.06
C LEU A 80 -29.22 15.33 5.58
N LYS A 81 -29.61 16.30 4.75
CA LYS A 81 -30.71 17.19 5.06
C LYS A 81 -31.92 16.70 4.25
N ILE A 82 -32.95 16.24 4.93
CA ILE A 82 -34.06 15.63 4.24
C ILE A 82 -34.98 16.70 3.65
N ASN A 83 -35.34 16.60 2.36
CA ASN A 83 -36.44 17.39 1.76
C ASN A 83 -37.71 16.61 1.72
N GLU A 84 -37.67 15.34 1.33
CA GLU A 84 -38.86 14.51 1.28
C GLU A 84 -38.51 13.03 1.30
N ILE A 85 -39.47 12.23 1.79
CA ILE A 85 -39.34 10.81 1.95
C ILE A 85 -40.70 10.26 1.50
N SER A 86 -40.72 9.25 0.63
CA SER A 86 -41.97 8.53 0.36
C SER A 86 -41.77 7.07 0.06
N ILE A 87 -42.84 6.31 0.26
CA ILE A 87 -42.95 4.92 -0.18
C ILE A 87 -44.16 4.82 -1.08
N ASN A 88 -43.94 4.40 -2.33
CA ASN A 88 -45.00 4.21 -3.36
C ASN A 88 -45.83 5.48 -3.53
N ASN A 89 -45.14 6.62 -3.60
CA ASN A 89 -45.75 7.94 -3.79
C ASN A 89 -46.57 8.43 -2.56
N LYS A 90 -46.52 7.74 -1.41
CA LYS A 90 -47.13 8.23 -0.17
C LYS A 90 -46.07 8.86 0.72
N LYS A 91 -46.22 10.16 0.96
CA LYS A 91 -45.36 10.99 1.81
C LYS A 91 -45.30 10.41 3.21
N LEU A 92 -44.09 10.18 3.70
CA LEU A 92 -43.84 9.81 5.07
C LEU A 92 -43.32 10.99 5.85
N VAL A 93 -43.71 11.00 7.11
CA VAL A 93 -43.56 12.16 7.97
C VAL A 93 -42.76 11.83 9.25
N GLU A 94 -41.84 12.73 9.60
CA GLU A 94 -41.01 12.61 10.80
C GLU A 94 -41.85 12.51 12.09
N GLY A 95 -41.46 11.60 12.98
CA GLY A 95 -42.15 11.35 14.26
C GLY A 95 -43.39 10.46 14.14
N GLU A 96 -43.95 10.36 12.94
CA GLU A 96 -45.13 9.57 12.67
C GLU A 96 -44.75 8.26 11.99
N GLU A 97 -44.12 8.36 10.82
CA GLU A 97 -43.73 7.18 10.02
C GLU A 97 -42.22 6.87 10.03
N TYR A 98 -41.38 7.86 10.29
CA TYR A 98 -39.93 7.68 10.33
C TYR A 98 -39.31 8.50 11.39
N THR A 99 -38.11 8.08 11.82
CA THR A 99 -37.20 8.97 12.56
C THR A 99 -35.87 9.05 11.82
N TYR A 100 -35.21 10.19 11.97
CA TYR A 100 -33.87 10.40 11.48
C TYR A 100 -32.99 11.11 12.50
N ASP A 101 -31.85 10.50 12.82
CA ASP A 101 -30.94 11.02 13.84
C ASP A 101 -29.56 11.48 13.28
N ASN A 102 -29.49 11.83 11.99
CA ASN A 102 -28.22 12.11 11.28
C ASN A 102 -27.30 10.94 10.98
N GLU A 103 -27.71 9.71 11.32
CA GLU A 103 -26.95 8.53 11.02
C GLU A 103 -27.78 7.36 10.47
N PHE A 104 -28.97 7.13 11.01
CA PHE A 104 -29.91 6.12 10.55
C PHE A 104 -31.32 6.72 10.35
N LEU A 105 -31.92 6.39 9.23
CA LEU A 105 -33.30 6.70 8.95
C LEU A 105 -34.05 5.41 9.21
N THR A 106 -35.00 5.45 10.15
CA THR A 106 -35.78 4.25 10.52
C THR A 106 -37.16 4.50 10.04
N ILE A 107 -37.69 3.59 9.24
CA ILE A 107 -39.10 3.59 8.80
C ILE A 107 -39.79 2.50 9.60
N PHE A 108 -40.78 2.85 10.41
CA PHE A 108 -41.41 1.85 11.30
C PHE A 108 -42.11 0.76 10.47
N SER A 109 -41.97 -0.50 10.88
CA SER A 109 -42.51 -1.70 10.14
C SER A 109 -43.91 -1.59 9.65
N LYS A 110 -44.79 -1.02 10.47
CA LYS A 110 -46.21 -0.80 10.10
C LYS A 110 -46.40 -0.11 8.78
N PHE A 111 -45.42 0.73 8.39
CA PHE A 111 -45.48 1.46 7.12
C PHE A 111 -44.63 0.90 6.01
N VAL A 112 -44.07 -0.28 6.21
CA VAL A 112 -43.10 -0.86 5.24
C VAL A 112 -43.89 -1.91 4.47
N PRO A 113 -43.98 -1.75 3.16
CA PRO A 113 -44.78 -2.75 2.45
C PRO A 113 -44.24 -4.18 2.58
N LYS A 114 -45.09 -5.13 2.21
CA LYS A 114 -44.81 -6.54 2.35
C LYS A 114 -44.24 -7.17 1.07
N SER A 115 -44.24 -6.45 -0.05
CA SER A 115 -43.62 -6.93 -1.28
C SER A 115 -43.10 -5.75 -2.07
N LYS A 116 -42.69 -5.97 -3.30
CA LYS A 116 -42.03 -4.96 -4.15
C LYS A 116 -42.59 -3.52 -3.89
N PHE A 117 -41.71 -2.54 -3.66
CA PHE A 117 -42.11 -1.14 -3.42
C PHE A 117 -40.99 -0.13 -3.82
N ALA A 118 -41.37 1.12 -4.06
CA ALA A 118 -40.43 2.19 -4.47
C ALA A 118 -40.21 3.14 -3.27
N PHE A 119 -38.99 3.23 -2.79
CA PHE A 119 -38.65 4.19 -1.77
C PHE A 119 -38.03 5.40 -2.45
N SER A 120 -38.52 6.60 -2.14
CA SER A 120 -38.04 7.83 -2.80
C SER A 120 -37.54 8.76 -1.68
N SER A 121 -36.40 9.39 -1.90
CA SER A 121 -35.92 10.45 -1.00
C SER A 121 -35.29 11.54 -1.82
N GLU A 122 -35.26 12.74 -1.24
CA GLU A 122 -34.51 13.85 -1.77
C GLU A 122 -33.79 14.46 -0.62
N VAL A 123 -32.48 14.70 -0.78
CA VAL A 123 -31.68 15.21 0.34
C VAL A 123 -30.84 16.34 -0.21
N ILE A 124 -30.34 17.19 0.65
CA ILE A 124 -29.37 18.20 0.26
C ILE A 124 -28.06 17.84 1.01
N ILE A 125 -26.94 18.00 0.31
CA ILE A 125 -25.61 17.78 0.80
C ILE A 125 -24.75 18.91 0.26
N HIS A 126 -23.52 18.97 0.76
CA HIS A 126 -22.66 20.13 0.55
C HIS A 126 -21.20 19.74 0.25
N PRO A 127 -20.92 19.29 -0.98
CA PRO A 127 -19.52 18.95 -1.35
C PRO A 127 -18.55 20.07 -1.19
N GLU A 128 -19.00 21.32 -1.43
CA GLU A 128 -18.13 22.49 -1.26
C GLU A 128 -17.47 22.62 0.12
N THR A 129 -18.10 22.07 1.18
CA THR A 129 -17.56 22.08 2.56
C THR A 129 -17.12 20.68 3.09
N ASN A 130 -17.08 19.67 2.24
CA ASN A 130 -16.72 18.32 2.66
C ASN A 130 -15.20 18.17 2.56
N TYR A 131 -14.52 18.48 3.66
CA TYR A 131 -13.08 18.44 3.69
C TYR A 131 -12.58 17.04 4.07
N ALA A 132 -13.50 16.14 4.42
CA ALA A 132 -13.16 14.81 4.83
C ALA A 132 -12.85 13.91 3.59
N LEU A 133 -13.26 14.33 2.39
CA LEU A 133 -12.95 13.64 1.10
C LEU A 133 -13.55 12.23 1.09
N THR A 134 -14.72 12.08 1.70
CA THR A 134 -15.48 10.86 1.66
C THR A 134 -16.95 11.28 1.37
N GLY A 135 -17.62 10.55 0.52
CA GLY A 135 -18.98 10.97 0.03
C GLY A 135 -18.75 11.84 -1.20
N LEU A 136 -19.58 12.86 -1.42
CA LEU A 136 -19.39 13.79 -2.54
C LEU A 136 -18.64 15.01 -2.06
N TYR A 137 -17.56 15.40 -2.75
CA TYR A 137 -16.78 16.50 -2.33
C TYR A 137 -16.16 17.24 -3.50
N LYS A 138 -15.67 18.44 -3.19
CA LYS A 138 -15.01 19.32 -4.15
C LYS A 138 -13.48 19.30 -3.94
N SER A 139 -12.73 19.03 -4.99
CA SER A 139 -11.31 18.99 -4.93
C SER A 139 -10.91 19.99 -6.01
N LYS A 140 -10.47 21.14 -5.53
CA LYS A 140 -10.11 22.29 -6.36
C LYS A 140 -11.33 22.66 -7.23
N ASN A 141 -11.33 22.50 -8.57
CA ASN A 141 -12.59 22.76 -9.29
C ASN A 141 -13.30 21.52 -9.82
N ILE A 142 -13.09 20.37 -9.17
CA ILE A 142 -13.74 19.09 -9.61
C ILE A 142 -14.67 18.65 -8.49
N ILE A 143 -15.82 18.16 -8.85
CA ILE A 143 -16.70 17.48 -7.92
C ILE A 143 -16.48 16.03 -8.14
N VAL A 144 -16.24 15.31 -7.06
CA VAL A 144 -15.94 13.90 -7.14
C VAL A 144 -16.44 13.18 -5.91
N SER A 145 -16.73 11.88 -6.06
CA SER A 145 -17.13 11.03 -4.98
C SER A 145 -16.03 10.05 -4.58
N GLN A 146 -16.05 9.68 -3.31
CA GLN A 146 -15.38 8.51 -2.79
C GLN A 146 -16.37 7.78 -1.87
N CYS A 147 -16.81 6.59 -2.26
CA CYS A 147 -17.83 5.83 -1.57
C CYS A 147 -17.29 4.65 -0.73
N GLU A 148 -16.14 4.05 -1.09
CA GLU A 148 -15.61 2.94 -0.25
C GLU A 148 -14.96 3.56 0.99
N ALA A 149 -15.19 3.02 2.18
CA ALA A 149 -16.14 1.90 2.45
C ALA A 149 -17.62 2.36 2.75
N THR A 150 -17.77 3.47 3.47
CA THR A 150 -19.12 3.95 3.95
C THR A 150 -19.42 5.40 3.55
N GLY A 151 -18.85 5.80 2.44
CA GLY A 151 -19.13 7.09 1.84
C GLY A 151 -20.46 7.25 1.12
N PHE A 152 -21.05 6.16 0.59
CA PHE A 152 -22.30 6.32 -0.19
C PHE A 152 -23.45 6.88 0.69
N ARG A 153 -23.48 6.47 1.95
CA ARG A 153 -24.49 6.95 2.88
C ARG A 153 -24.37 8.44 3.15
N ARG A 154 -23.26 9.07 2.76
CA ARG A 154 -23.13 10.52 2.85
C ARG A 154 -23.62 11.22 1.62
N ILE A 155 -24.00 10.47 0.59
CA ILE A 155 -24.61 11.04 -0.60
C ILE A 155 -26.16 10.86 -0.54
N THR A 156 -26.61 9.67 -0.15
CA THR A 156 -28.05 9.38 -0.05
C THR A 156 -28.31 8.15 0.84
N PHE A 157 -29.56 7.90 1.17
CA PHE A 157 -29.90 6.81 2.05
C PHE A 157 -29.68 5.50 1.35
N PHE A 158 -29.11 4.52 2.06
CA PHE A 158 -28.92 3.22 1.45
C PHE A 158 -28.73 2.23 2.54
N ILE A 159 -28.84 0.95 2.19
CA ILE A 159 -28.48 -0.06 3.12
C ILE A 159 -27.02 -0.30 2.73
N ASP A 160 -26.12 0.47 3.37
CA ASP A 160 -24.80 0.73 2.82
C ASP A 160 -23.86 -0.40 3.26
N ARG A 161 -23.88 -1.49 2.52
CA ARG A 161 -23.12 -2.68 2.82
C ARG A 161 -22.93 -3.47 1.50
N PRO A 162 -21.78 -4.16 1.34
CA PRO A 162 -21.38 -4.69 0.04
C PRO A 162 -22.21 -5.85 -0.51
N ASP A 163 -22.98 -6.52 0.35
CA ASP A 163 -23.88 -7.56 -0.12
C ASP A 163 -25.19 -7.02 -0.71
N MET A 164 -25.43 -5.69 -0.66
CA MET A 164 -26.68 -5.10 -1.20
C MET A 164 -26.42 -4.64 -2.62
N MET A 165 -26.52 -5.56 -3.56
CA MET A 165 -26.12 -5.33 -4.88
C MET A 165 -27.35 -4.91 -5.73
N ALA A 166 -27.14 -3.95 -6.64
CA ALA A 166 -28.19 -3.37 -7.42
C ALA A 166 -27.64 -2.75 -8.71
N LYS A 167 -28.56 -2.39 -9.61
CA LYS A 167 -28.24 -1.69 -10.89
C LYS A 167 -28.65 -0.25 -10.83
N TYR A 168 -27.83 0.60 -11.44
CA TYR A 168 -27.81 2.01 -11.24
C TYR A 168 -28.07 2.73 -12.55
N ASP A 169 -28.91 3.77 -12.46
CA ASP A 169 -29.29 4.68 -13.51
C ASP A 169 -29.05 6.03 -12.91
N VAL A 170 -28.13 6.82 -13.47
CA VAL A 170 -27.66 8.02 -12.75
C VAL A 170 -27.64 9.20 -13.68
N THR A 171 -28.32 10.27 -13.28
CA THR A 171 -28.32 11.55 -14.03
C THR A 171 -27.57 12.54 -13.13
N VAL A 172 -26.69 13.28 -13.74
CA VAL A 172 -25.97 14.35 -13.09
C VAL A 172 -26.31 15.61 -13.87
N THR A 173 -26.58 16.72 -13.15
CA THR A 173 -26.79 18.02 -13.77
C THR A 173 -25.88 19.07 -13.07
N ALA A 174 -25.48 20.08 -13.82
CA ALA A 174 -24.61 21.12 -13.31
C ALA A 174 -24.57 22.31 -14.26
N ASP A 175 -24.00 23.40 -13.77
CA ASP A 175 -23.69 24.54 -14.64
C ASP A 175 -22.72 24.04 -15.72
N LYS A 176 -23.07 24.29 -16.98
CA LYS A 176 -22.29 23.85 -18.11
C LYS A 176 -20.89 24.47 -18.22
N GLU A 177 -20.78 25.79 -18.01
CA GLU A 177 -19.50 26.48 -18.15
C GLU A 177 -18.51 25.95 -17.15
N LYS A 178 -18.94 25.77 -15.91
CA LYS A 178 -18.06 25.40 -14.80
C LYS A 178 -17.80 23.87 -14.81
N TYR A 179 -18.78 23.06 -15.19
CA TYR A 179 -18.67 21.59 -15.18
C TYR A 179 -19.12 20.99 -16.52
N PRO A 180 -18.33 21.22 -17.59
CA PRO A 180 -18.69 20.67 -18.89
C PRO A 180 -18.56 19.16 -19.01
N VAL A 181 -17.72 18.52 -18.18
CA VAL A 181 -17.59 17.04 -18.25
C VAL A 181 -18.28 16.39 -17.08
N LEU A 182 -19.27 15.52 -17.39
CA LEU A 182 -20.04 14.82 -16.39
C LEU A 182 -19.84 13.34 -16.62
N LEU A 183 -19.44 12.63 -15.56
CA LEU A 183 -19.23 11.21 -15.61
C LEU A 183 -19.92 10.50 -14.47
N SER A 184 -20.44 9.31 -14.76
CA SER A 184 -20.80 8.32 -13.74
C SER A 184 -20.50 6.90 -14.28
N ASN A 185 -20.85 5.86 -13.52
CA ASN A 185 -20.53 4.51 -13.94
C ASN A 185 -21.32 4.10 -15.18
N GLY A 186 -20.62 3.58 -16.18
CA GLY A 186 -21.23 2.81 -17.23
C GLY A 186 -21.47 3.62 -18.49
N ASP A 187 -22.46 3.18 -19.28
CA ASP A 187 -22.78 3.75 -20.61
C ASP A 187 -23.43 5.11 -20.47
N LYS A 188 -22.89 6.12 -21.12
CA LYS A 188 -23.56 7.39 -21.25
C LYS A 188 -24.74 7.29 -22.26
N VAL A 189 -25.99 7.37 -21.77
CA VAL A 189 -27.14 7.04 -22.59
C VAL A 189 -27.84 8.25 -23.14
N ASN A 190 -27.61 9.43 -22.53
CA ASN A 190 -28.23 10.69 -22.99
C ASN A 190 -27.44 11.86 -22.45
N GLU A 191 -27.46 12.93 -23.20
CA GLU A 191 -26.97 14.24 -22.77
C GLU A 191 -28.01 15.28 -23.16
N PHE A 192 -28.24 16.27 -22.29
CA PHE A 192 -29.23 17.31 -22.58
C PHE A 192 -28.88 18.67 -22.01
N GLU A 193 -29.42 19.71 -22.66
CA GLU A 193 -29.41 21.08 -22.17
C GLU A 193 -30.58 21.31 -21.21
N ILE A 194 -30.36 22.25 -20.29
CA ILE A 194 -31.26 22.63 -19.21
C ILE A 194 -31.23 24.17 -19.20
N PRO A 195 -32.40 24.81 -18.99
CA PRO A 195 -32.39 26.31 -18.94
C PRO A 195 -31.50 26.83 -17.83
N GLY A 196 -31.02 28.04 -18.04
CA GLY A 196 -30.26 28.75 -17.04
C GLY A 196 -28.79 28.39 -17.06
N GLY A 197 -28.26 27.93 -18.19
CA GLY A 197 -26.84 27.63 -18.32
C GLY A 197 -26.47 26.19 -17.87
N ARG A 198 -27.44 25.31 -17.64
CA ARG A 198 -27.14 24.01 -17.06
C ARG A 198 -27.19 22.90 -18.12
N HIS A 199 -26.73 21.71 -17.74
CA HIS A 199 -26.78 20.58 -18.59
C HIS A 199 -26.74 19.32 -17.77
N GLY A 200 -27.14 18.22 -18.38
CA GLY A 200 -27.11 16.95 -17.76
C GLY A 200 -26.64 15.80 -18.60
N ALA A 201 -26.38 14.69 -17.92
CA ALA A 201 -25.98 13.47 -18.59
C ALA A 201 -26.45 12.28 -17.76
N ARG A 202 -26.91 11.26 -18.44
CA ARG A 202 -27.49 10.09 -17.83
C ARG A 202 -26.64 8.86 -18.14
N PHE A 203 -26.42 8.05 -17.13
CA PHE A 203 -25.53 6.89 -17.24
C PHE A 203 -26.25 5.66 -16.76
N ASN A 204 -26.03 4.53 -17.42
CA ASN A 204 -26.60 3.22 -17.05
C ASN A 204 -25.46 2.26 -16.89
N ASP A 205 -25.36 1.67 -15.72
CA ASP A 205 -24.36 0.64 -15.46
C ASP A 205 -25.13 -0.67 -15.37
N PRO A 206 -24.96 -1.53 -16.38
CA PRO A 206 -25.72 -2.80 -16.48
C PRO A 206 -25.24 -3.87 -15.53
N HIS A 207 -24.07 -3.70 -14.92
CA HIS A 207 -23.61 -4.76 -13.95
C HIS A 207 -24.10 -4.51 -12.53
N LEU A 208 -24.67 -5.53 -11.89
CA LEU A 208 -24.95 -5.49 -10.50
C LEU A 208 -23.72 -5.08 -9.64
N LYS A 209 -23.90 -4.12 -8.76
CA LYS A 209 -22.83 -3.72 -7.87
C LYS A 209 -23.26 -3.24 -6.52
N PRO A 210 -22.34 -3.34 -5.53
CA PRO A 210 -22.54 -2.67 -4.25
C PRO A 210 -22.31 -1.18 -4.34
N CYS A 211 -22.90 -0.43 -3.40
CA CYS A 211 -22.82 1.02 -3.51
C CYS A 211 -21.41 1.60 -3.37
N TYR A 212 -20.47 0.87 -2.76
CA TYR A 212 -19.14 1.41 -2.55
C TYR A 212 -18.40 1.62 -3.89
N LEU A 213 -18.93 1.03 -4.96
CA LEU A 213 -18.42 1.15 -6.32
C LEU A 213 -19.14 2.21 -7.17
N PHE A 214 -20.11 2.92 -6.61
CA PHE A 214 -20.66 4.12 -7.25
C PHE A 214 -19.68 5.24 -7.29
N ALA A 215 -19.62 5.95 -8.41
CA ALA A 215 -18.84 7.17 -8.52
C ALA A 215 -19.51 8.17 -9.47
N VAL A 216 -19.16 9.43 -9.27
CA VAL A 216 -19.58 10.57 -10.08
C VAL A 216 -18.46 11.62 -10.03
N VAL A 217 -18.24 12.23 -11.16
CA VAL A 217 -17.27 13.27 -11.30
C VAL A 217 -17.91 14.35 -12.20
N ALA A 218 -17.67 15.61 -11.84
CA ALA A 218 -18.03 16.73 -12.70
C ALA A 218 -16.93 17.78 -12.66
N GLY A 219 -16.50 18.25 -13.81
CA GLY A 219 -15.33 19.15 -13.84
C GLY A 219 -15.07 19.69 -15.21
N ASP A 220 -14.18 20.68 -15.28
CA ASP A 220 -13.63 21.18 -16.55
C ASP A 220 -12.40 20.31 -16.91
N LEU A 221 -12.65 19.09 -17.37
CA LEU A 221 -11.61 18.11 -17.53
C LEU A 221 -11.13 18.01 -18.98
N LYS A 222 -9.83 17.83 -19.15
CA LYS A 222 -9.27 17.43 -20.42
C LYS A 222 -8.88 15.97 -20.37
N HIS A 223 -8.73 15.37 -21.55
CA HIS A 223 -8.48 13.96 -21.71
C HIS A 223 -7.52 13.67 -22.85
N LEU A 224 -6.83 12.54 -22.72
CA LEU A 224 -6.20 11.79 -23.84
C LEU A 224 -7.00 10.53 -23.99
N SER A 225 -7.00 9.89 -25.16
CA SER A 225 -7.84 8.72 -25.31
C SER A 225 -7.20 7.77 -26.29
N ALA A 226 -7.68 6.52 -26.25
CA ALA A 226 -7.28 5.48 -27.15
C ALA A 226 -8.40 4.50 -27.24
N THR A 227 -8.30 3.64 -28.23
CA THR A 227 -9.14 2.47 -28.39
C THR A 227 -8.30 1.20 -28.16
N TYR A 228 -8.89 0.22 -27.46
CA TYR A 228 -8.29 -1.06 -27.19
C TYR A 228 -9.24 -2.12 -27.67
N ILE A 229 -8.71 -3.19 -28.25
CA ILE A 229 -9.54 -4.28 -28.79
C ILE A 229 -9.27 -5.57 -28.02
N THR A 230 -10.33 -6.15 -27.45
CA THR A 230 -10.10 -7.26 -26.54
C THR A 230 -9.62 -8.51 -27.32
N LYS A 231 -8.83 -9.30 -26.61
CA LYS A 231 -8.05 -10.34 -27.22
C LYS A 231 -8.91 -11.44 -27.86
N TYR A 232 -9.93 -11.91 -27.13
CA TYR A 232 -10.68 -13.12 -27.51
C TYR A 232 -12.07 -12.78 -28.07
N THR A 233 -12.75 -11.80 -27.46
CA THR A 233 -14.10 -11.41 -27.89
C THR A 233 -14.06 -10.27 -28.91
N LYS A 234 -12.91 -9.61 -29.08
CA LYS A 234 -12.76 -8.51 -30.01
C LYS A 234 -13.74 -7.37 -29.72
N LYS A 235 -14.00 -7.10 -28.43
CA LYS A 235 -14.82 -5.94 -28.04
C LYS A 235 -13.94 -4.67 -28.12
N LYS A 236 -14.49 -3.64 -28.75
CA LYS A 236 -13.88 -2.30 -28.85
C LYS A 236 -14.04 -1.57 -27.52
N VAL A 237 -12.94 -1.19 -26.85
CA VAL A 237 -13.06 -0.40 -25.61
C VAL A 237 -12.42 0.93 -25.79
N GLU A 238 -13.19 1.98 -25.46
CA GLU A 238 -12.73 3.36 -25.50
C GLU A 238 -12.11 3.66 -24.14
N LEU A 239 -10.86 4.04 -24.15
CA LEU A 239 -10.09 4.37 -22.94
C LEU A 239 -9.86 5.87 -22.91
N TYR A 240 -10.30 6.50 -21.84
CA TYR A 240 -10.11 7.94 -21.52
C TYR A 240 -9.38 8.10 -20.12
N VAL A 241 -8.36 8.97 -20.07
CA VAL A 241 -7.72 9.45 -18.84
C VAL A 241 -7.92 10.93 -18.83
N PHE A 242 -8.36 11.41 -17.66
CA PHE A 242 -8.79 12.81 -17.42
C PHE A 242 -7.99 13.54 -16.32
N SER A 243 -7.75 14.83 -16.52
CA SER A 243 -7.28 15.73 -15.48
C SER A 243 -7.77 17.14 -15.76
N GLU A 244 -7.57 18.00 -14.81
CA GLU A 244 -7.65 19.41 -15.05
C GLU A 244 -6.70 19.80 -16.19
N GLU A 245 -7.09 20.88 -16.86
CA GLU A 245 -6.40 21.46 -17.99
C GLU A 245 -4.94 21.64 -17.75
N LYS A 246 -4.56 22.21 -16.63
CA LYS A 246 -3.14 22.52 -16.42
C LYS A 246 -2.21 21.28 -16.61
N TYR A 247 -2.69 20.06 -16.37
CA TYR A 247 -1.79 18.87 -16.26
C TYR A 247 -2.06 17.81 -17.26
N VAL A 248 -2.82 18.18 -18.29
CA VAL A 248 -3.27 17.29 -19.34
C VAL A 248 -2.08 16.58 -20.03
N SER A 249 -0.96 17.29 -20.16
CA SER A 249 0.19 16.71 -20.71
C SER A 249 0.81 15.62 -19.83
N LYS A 250 0.37 15.42 -18.59
CA LYS A 250 1.02 14.46 -17.70
C LYS A 250 0.22 13.15 -17.62
N LEU A 251 -0.62 12.92 -18.62
CA LEU A 251 -1.60 11.84 -18.64
C LEU A 251 -1.16 10.58 -19.45
N GLN A 252 -0.14 10.72 -20.27
CA GLN A 252 0.10 9.66 -21.28
C GLN A 252 0.68 8.39 -20.69
N TRP A 253 1.59 8.51 -19.72
CA TRP A 253 2.09 7.24 -19.08
C TRP A 253 0.98 6.42 -18.45
N ALA A 254 0.04 7.07 -17.76
CA ALA A 254 -1.14 6.33 -17.20
C ALA A 254 -1.90 5.55 -18.27
N LEU A 255 -2.14 6.19 -19.42
CA LEU A 255 -2.87 5.55 -20.51
C LEU A 255 -2.11 4.31 -21.02
N GLU A 256 -0.81 4.48 -21.23
CA GLU A 256 0.03 3.36 -21.59
C GLU A 256 0.05 2.25 -20.51
N CYS A 257 0.08 2.63 -19.24
CA CYS A 257 0.01 1.63 -18.20
C CYS A 257 -1.33 0.91 -18.16
N LEU A 258 -2.42 1.59 -18.54
CA LEU A 258 -3.73 0.93 -18.58
C LEU A 258 -3.71 -0.11 -19.69
N LYS A 259 -3.19 0.25 -20.85
CA LYS A 259 -3.08 -0.72 -21.96
C LYS A 259 -2.26 -1.97 -21.55
N LYS A 260 -1.12 -1.75 -20.91
CA LYS A 260 -0.33 -2.82 -20.33
C LYS A 260 -1.16 -3.69 -19.37
N SER A 261 -1.89 -3.02 -18.48
CA SER A 261 -2.69 -3.71 -17.48
C SER A 261 -3.73 -4.65 -18.12
N MET A 262 -4.41 -4.14 -19.16
CA MET A 262 -5.46 -4.92 -19.85
C MET A 262 -4.85 -6.13 -20.55
N ALA A 263 -3.70 -5.92 -21.21
CA ALA A 263 -3.02 -6.98 -21.94
C ALA A 263 -2.53 -8.02 -20.97
N PHE A 264 -1.99 -7.59 -19.81
CA PHE A 264 -1.56 -8.55 -18.82
C PHE A 264 -2.71 -9.46 -18.28
N ASP A 265 -3.86 -8.87 -17.89
CA ASP A 265 -4.98 -9.67 -17.44
C ASP A 265 -5.50 -10.63 -18.53
N GLU A 266 -5.43 -10.24 -19.80
CA GLU A 266 -5.86 -11.14 -20.89
C GLU A 266 -4.84 -12.29 -21.01
N ASP A 267 -3.56 -11.92 -21.10
CA ASP A 267 -2.46 -12.87 -21.39
C ASP A 267 -2.26 -13.86 -20.28
N TYR A 268 -2.16 -13.40 -19.02
CA TYR A 268 -1.92 -14.29 -17.88
C TYR A 268 -3.20 -14.94 -17.33
N PHE A 269 -4.28 -14.18 -17.20
CA PHE A 269 -5.50 -14.69 -16.52
C PHE A 269 -6.69 -14.98 -17.46
N GLY A 270 -6.59 -14.62 -18.73
CA GLY A 270 -7.73 -14.80 -19.67
C GLY A 270 -8.89 -13.83 -19.44
N LEU A 271 -8.64 -12.67 -18.85
CA LEU A 271 -9.73 -11.84 -18.36
C LEU A 271 -9.81 -10.59 -19.22
N GLU A 272 -11.00 -10.34 -19.78
CA GLU A 272 -11.26 -9.20 -20.67
C GLU A 272 -12.13 -8.19 -19.99
N TYR A 273 -11.92 -6.93 -20.34
CA TYR A 273 -12.75 -5.87 -19.83
C TYR A 273 -14.20 -6.00 -20.38
N ASP A 274 -15.19 -5.49 -19.64
CA ASP A 274 -16.60 -5.83 -19.78
C ASP A 274 -17.61 -4.66 -19.95
N LEU A 275 -17.11 -3.47 -20.32
CA LEU A 275 -17.92 -2.35 -20.75
C LEU A 275 -17.28 -1.81 -22.00
N SER A 276 -18.02 -0.94 -22.70
CA SER A 276 -17.53 -0.30 -23.96
C SER A 276 -16.58 0.84 -23.68
N ARG A 277 -16.57 1.33 -22.45
CA ARG A 277 -15.76 2.46 -22.10
C ARG A 277 -15.21 2.34 -20.67
N LEU A 278 -13.97 2.83 -20.51
CA LEU A 278 -13.30 2.95 -19.12
C LEU A 278 -12.60 4.28 -18.95
N ASN A 279 -12.99 5.01 -17.89
CA ASN A 279 -12.42 6.32 -17.58
C ASN A 279 -11.54 6.26 -16.32
N LEU A 280 -10.36 6.83 -16.45
CA LEU A 280 -9.54 7.16 -15.28
C LEU A 280 -9.54 8.68 -15.08
N VAL A 281 -9.67 9.14 -13.83
CA VAL A 281 -9.68 10.57 -13.51
C VAL A 281 -8.71 10.89 -12.34
N ALA A 282 -7.85 11.86 -12.55
CA ALA A 282 -7.00 12.43 -11.51
C ALA A 282 -7.66 13.55 -10.74
N VAL A 283 -7.55 13.54 -9.40
CA VAL A 283 -7.97 14.65 -8.58
C VAL A 283 -6.88 15.03 -7.60
N SER A 284 -6.84 16.29 -7.20
CA SER A 284 -5.75 16.76 -6.37
C SER A 284 -5.87 16.35 -4.91
N ASP A 285 -7.11 16.15 -4.42
CA ASP A 285 -7.38 15.89 -3.02
C ASP A 285 -8.00 14.52 -2.89
N PHE A 286 -7.25 13.59 -2.32
CA PHE A 286 -7.67 12.22 -2.25
C PHE A 286 -6.96 11.59 -1.07
N ASN A 287 -7.72 10.87 -0.24
CA ASN A 287 -7.17 10.30 0.98
C ASN A 287 -6.12 9.20 0.82
N VAL A 288 -6.23 8.40 -0.21
CA VAL A 288 -5.36 7.27 -0.42
C VAL A 288 -4.81 7.38 -1.88
N GLY A 289 -4.57 6.27 -2.56
CA GLY A 289 -3.92 6.23 -3.87
C GLY A 289 -4.89 6.29 -5.03
N ALA A 290 -5.89 5.41 -5.03
CA ALA A 290 -6.91 5.40 -6.11
C ALA A 290 -8.03 4.45 -5.77
N MET A 291 -9.06 4.36 -6.61
CA MET A 291 -10.30 3.68 -6.25
C MET A 291 -10.89 3.08 -7.48
N GLU A 292 -11.44 1.87 -7.37
CA GLU A 292 -11.77 1.02 -8.55
C GLU A 292 -13.24 1.10 -9.06
N ASN A 293 -13.85 2.26 -8.95
CA ASN A 293 -15.28 2.41 -9.30
C ASN A 293 -15.50 1.89 -10.69
N LYS A 294 -16.56 1.10 -10.85
CA LYS A 294 -16.77 0.39 -12.09
C LYS A 294 -16.76 1.36 -13.26
N GLY A 295 -15.80 1.22 -14.15
CA GLY A 295 -15.77 2.01 -15.37
C GLY A 295 -15.30 3.43 -15.18
N LEU A 296 -14.97 3.78 -13.96
CA LEU A 296 -14.72 5.14 -13.59
C LEU A 296 -13.76 5.18 -12.40
N ASN A 297 -12.51 4.78 -12.66
CA ASN A 297 -11.50 4.66 -11.62
C ASN A 297 -11.01 6.07 -11.31
N ILE A 298 -10.89 6.41 -10.01
CA ILE A 298 -10.57 7.78 -9.57
C ILE A 298 -9.24 7.66 -8.79
N PHE A 299 -8.32 8.53 -9.10
CA PHE A 299 -6.94 8.50 -8.65
C PHE A 299 -6.56 9.79 -7.90
N ASN A 300 -5.78 9.67 -6.83
CA ASN A 300 -4.91 10.74 -6.37
C ASN A 300 -4.04 11.12 -7.58
N ALA A 301 -3.96 12.41 -7.87
CA ALA A 301 -3.11 12.89 -8.96
C ALA A 301 -1.70 12.31 -8.90
N ASN A 302 -1.16 12.12 -7.69
CA ASN A 302 0.24 11.63 -7.58
C ASN A 302 0.42 10.20 -8.03
N SER A 303 -0.69 9.48 -8.24
CA SER A 303 -0.67 8.10 -8.75
C SER A 303 -1.25 7.93 -10.16
N LEU A 304 -1.47 9.02 -10.86
CA LEU A 304 -1.88 9.00 -12.27
C LEU A 304 -1.06 9.92 -13.17
N LEU A 305 -0.54 11.02 -12.66
CA LEU A 305 0.08 12.07 -13.48
C LEU A 305 1.58 12.16 -13.32
N ALA A 306 2.25 12.19 -14.46
CA ALA A 306 3.71 12.30 -14.53
C ALA A 306 4.15 12.89 -15.81
N SER A 307 5.28 13.60 -15.77
CA SER A 307 6.07 13.85 -16.99
C SER A 307 7.54 13.84 -16.60
N LYS A 308 8.36 13.49 -17.57
CA LYS A 308 9.77 13.27 -17.29
C LYS A 308 10.54 14.49 -16.84
N LYS A 309 10.12 15.66 -17.26
CA LYS A 309 10.76 16.90 -16.82
C LYS A 309 10.30 17.33 -15.39
N ASN A 310 9.13 16.88 -14.97
CA ASN A 310 8.44 17.37 -13.77
C ASN A 310 8.10 16.31 -12.71
N SER A 311 8.60 15.09 -12.84
CA SER A 311 8.33 14.04 -11.86
C SER A 311 9.58 13.27 -11.55
N ILE A 312 9.71 12.80 -10.31
CA ILE A 312 10.81 11.90 -9.99
C ILE A 312 10.55 10.52 -10.57
N ASP A 313 11.61 9.76 -10.70
CA ASP A 313 11.56 8.38 -11.23
C ASP A 313 10.49 7.50 -10.58
N PHE A 314 10.41 7.52 -9.24
CA PHE A 314 9.46 6.66 -8.46
C PHE A 314 8.00 6.83 -8.95
N SER A 315 7.58 8.04 -9.38
CA SER A 315 6.27 8.24 -9.94
C SER A 315 5.91 7.31 -11.07
N TYR A 316 6.88 6.93 -11.89
CA TYR A 316 6.54 6.04 -12.98
C TYR A 316 6.15 4.64 -12.52
N ALA A 317 6.86 4.10 -11.52
CA ALA A 317 6.53 2.81 -10.89
C ALA A 317 5.23 2.91 -10.14
N ARG A 318 5.04 4.00 -9.41
CA ARG A 318 3.81 4.21 -8.67
CA ARG A 318 3.79 4.23 -8.66
C ARG A 318 2.56 4.20 -9.59
N ILE A 319 2.65 4.91 -10.71
CA ILE A 319 1.53 4.98 -11.63
C ILE A 319 1.25 3.63 -12.25
N LEU A 320 2.30 2.91 -12.62
CA LEU A 320 2.14 1.59 -13.18
C LEU A 320 1.43 0.64 -12.21
N THR A 321 1.85 0.62 -10.95
CA THR A 321 1.26 -0.28 -9.97
C THR A 321 -0.17 0.14 -9.56
N VAL A 322 -0.45 1.42 -9.43
CA VAL A 322 -1.76 1.86 -9.06
C VAL A 322 -2.80 1.71 -10.18
N VAL A 323 -2.41 2.09 -11.40
CA VAL A 323 -3.30 1.83 -12.57
C VAL A 323 -3.57 0.36 -12.69
N GLY A 324 -2.56 -0.44 -12.62
CA GLY A 324 -2.70 -1.86 -12.62
C GLY A 324 -3.65 -2.39 -11.53
N HIS A 325 -3.37 -2.07 -10.28
CA HIS A 325 -4.22 -2.40 -9.13
C HIS A 325 -5.70 -2.07 -9.40
N GLU A 326 -6.03 -0.84 -9.80
CA GLU A 326 -7.43 -0.48 -10.00
C GLU A 326 -8.06 -1.26 -11.13
N TYR A 327 -7.30 -1.53 -12.17
CA TYR A 327 -7.81 -2.34 -13.27
C TYR A 327 -8.03 -3.77 -12.86
N PHE A 328 -7.06 -4.40 -12.18
CA PHE A 328 -7.21 -5.76 -11.68
C PHE A 328 -8.41 -5.97 -10.78
N HIS A 329 -8.80 -4.93 -10.05
CA HIS A 329 -10.04 -5.01 -9.27
C HIS A 329 -11.32 -5.24 -10.11
N ASN A 330 -11.28 -4.96 -11.40
CA ASN A 330 -12.50 -5.11 -12.22
C ASN A 330 -13.01 -6.54 -12.13
N TYR A 331 -12.12 -7.53 -11.99
CA TYR A 331 -12.53 -8.86 -11.64
C TYR A 331 -12.47 -9.12 -10.13
N THR A 332 -11.31 -8.86 -9.52
CA THR A 332 -11.11 -9.18 -8.12
C THR A 332 -11.54 -8.02 -7.23
N GLY A 333 -12.85 -7.90 -7.07
CA GLY A 333 -13.49 -6.83 -6.25
C GLY A 333 -14.82 -6.39 -6.86
N ASN A 334 -14.83 -6.24 -8.18
CA ASN A 334 -16.01 -5.79 -8.92
C ASN A 334 -16.85 -6.92 -9.47
N ARG A 335 -16.38 -7.63 -10.49
CA ARG A 335 -17.15 -8.78 -10.95
C ARG A 335 -17.36 -9.88 -9.92
N VAL A 336 -16.38 -10.11 -9.07
CA VAL A 336 -16.56 -10.89 -7.86
C VAL A 336 -16.31 -9.91 -6.77
N THR A 337 -17.33 -9.66 -5.95
CA THR A 337 -17.22 -8.73 -4.84
C THR A 337 -17.26 -9.41 -3.43
N LEU A 338 -17.38 -8.60 -2.38
CA LEU A 338 -17.28 -9.08 -1.01
C LEU A 338 -18.64 -9.27 -0.40
N ARG A 339 -18.82 -10.29 0.40
CA ARG A 339 -20.06 -10.52 1.16
C ARG A 339 -20.19 -9.53 2.29
N ASP A 340 -19.06 -9.17 2.89
CA ASP A 340 -19.05 -8.27 4.01
C ASP A 340 -17.60 -7.76 4.10
N TRP A 341 -17.37 -6.77 4.96
CA TRP A 341 -16.06 -6.07 5.05
C TRP A 341 -14.95 -6.90 5.72
N PHE A 342 -15.32 -7.95 6.45
CA PHE A 342 -14.31 -8.80 7.07
C PHE A 342 -13.56 -9.55 5.96
N GLN A 343 -14.17 -9.67 4.79
CA GLN A 343 -13.54 -10.31 3.62
C GLN A 343 -12.63 -9.35 2.80
N LEU A 344 -12.28 -8.18 3.32
CA LEU A 344 -11.49 -7.17 2.57
C LEU A 344 -10.27 -7.74 1.85
N THR A 345 -9.52 -8.66 2.48
CA THR A 345 -8.26 -9.21 1.94
C THR A 345 -8.51 -10.00 0.66
N LEU A 346 -9.70 -10.61 0.57
CA LEU A 346 -10.11 -11.29 -0.62
C LEU A 346 -10.01 -10.44 -1.89
N LYS A 347 -10.31 -9.15 -1.76
CA LYS A 347 -10.16 -8.32 -2.89
C LYS A 347 -8.83 -7.60 -2.85
N GLU A 348 -8.43 -7.09 -1.70
CA GLU A 348 -7.25 -6.21 -1.71
C GLU A 348 -5.96 -7.02 -1.73
N GLY A 349 -5.86 -8.05 -0.87
CA GLY A 349 -4.75 -8.98 -0.86
C GLY A 349 -4.53 -9.62 -2.25
N LEU A 350 -5.62 -10.08 -2.83
CA LEU A 350 -5.58 -10.73 -4.14
C LEU A 350 -5.30 -9.77 -5.32
N THR A 351 -5.86 -8.56 -5.25
CA THR A 351 -5.53 -7.54 -6.21
C THR A 351 -4.04 -7.09 -6.11
N VAL A 352 -3.52 -6.94 -4.89
CA VAL A 352 -2.12 -6.58 -4.66
C VAL A 352 -1.18 -7.68 -5.21
N HIS A 353 -1.56 -8.93 -4.99
CA HIS A 353 -0.85 -10.04 -5.61
C HIS A 353 -0.84 -9.94 -7.14
N ARG A 354 -2.01 -9.65 -7.74
CA ARG A 354 -2.08 -9.51 -9.22
C ARG A 354 -1.28 -8.31 -9.68
N GLU A 355 -1.41 -7.20 -8.99
CA GLU A 355 -0.56 -6.01 -9.27
C GLU A 355 0.95 -6.32 -9.21
N ASN A 356 1.36 -7.07 -8.19
CA ASN A 356 2.80 -7.35 -8.03
C ASN A 356 3.32 -8.26 -9.14
N LEU A 357 2.56 -9.28 -9.51
CA LEU A 357 2.88 -10.08 -10.69
C LEU A 357 3.03 -9.21 -11.96
N PHE A 358 2.07 -8.33 -12.19
CA PHE A 358 2.09 -7.46 -13.33
C PHE A 358 3.34 -6.58 -13.29
N SER A 359 3.60 -6.03 -12.12
CA SER A 359 4.71 -5.11 -11.92
C SER A 359 6.10 -5.76 -12.13
N GLU A 360 6.25 -6.98 -11.61
CA GLU A 360 7.43 -7.79 -11.86
C GLU A 360 7.62 -8.02 -13.35
N GLU A 361 6.55 -8.43 -14.03
CA GLU A 361 6.59 -8.70 -15.48
C GLU A 361 6.96 -7.45 -16.31
N MET A 362 6.44 -6.27 -15.91
CA MET A 362 6.62 -5.02 -16.68
C MET A 362 8.01 -4.43 -16.50
N THR A 363 8.53 -4.53 -15.28
CA THR A 363 9.74 -3.92 -14.92
C THR A 363 10.93 -4.81 -15.25
N LYS A 364 10.81 -6.12 -15.03
CA LYS A 364 11.88 -7.10 -15.34
C LYS A 364 13.17 -6.82 -14.55
N THR A 365 13.01 -6.36 -13.32
CA THR A 365 14.12 -6.06 -12.47
C THR A 365 13.89 -6.80 -11.18
N VAL A 366 14.94 -7.40 -10.64
CA VAL A 366 14.83 -8.16 -9.39
C VAL A 366 14.47 -7.29 -8.20
N THR A 367 14.73 -5.97 -8.29
CA THR A 367 14.40 -5.04 -7.20
C THR A 367 12.93 -4.80 -6.96
N THR A 368 12.07 -5.15 -7.91
CA THR A 368 10.67 -4.97 -7.73
C THR A 368 10.14 -5.93 -6.68
N ARG A 369 10.52 -7.19 -6.74
CA ARG A 369 10.11 -8.15 -5.68
C ARG A 369 10.76 -7.78 -4.33
N LEU A 370 12.04 -7.36 -4.37
CA LEU A 370 12.80 -7.01 -3.18
C LEU A 370 12.14 -5.86 -2.45
N SER A 371 11.61 -4.92 -3.23
CA SER A 371 11.01 -3.76 -2.68
C SER A 371 9.65 -4.11 -1.98
N HIS A 372 8.87 -5.08 -2.51
CA HIS A 372 7.69 -5.60 -1.82
CA HIS A 372 7.67 -5.57 -1.76
C HIS A 372 8.10 -6.28 -0.49
N VAL A 373 9.16 -7.09 -0.55
CA VAL A 373 9.62 -7.81 0.67
C VAL A 373 10.02 -6.80 1.76
N ASP A 374 10.73 -5.77 1.33
CA ASP A 374 11.27 -4.74 2.19
C ASP A 374 10.15 -4.06 2.90
N LEU A 375 9.10 -3.72 2.17
CA LEU A 375 7.93 -3.08 2.74
C LEU A 375 7.20 -3.99 3.71
N LEU A 376 6.98 -5.23 3.34
CA LEU A 376 6.40 -6.18 4.30
C LEU A 376 7.24 -6.31 5.58
N ARG A 377 8.53 -6.61 5.46
CA ARG A 377 9.28 -6.95 6.65
C ARG A 377 9.57 -5.75 7.54
N SER A 378 9.38 -4.55 7.03
CA SER A 378 9.55 -3.38 7.86
C SER A 378 8.22 -2.91 8.46
N VAL A 379 7.34 -2.38 7.61
CA VAL A 379 6.11 -1.82 8.05
C VAL A 379 5.10 -2.92 8.57
N GLN A 380 4.91 -4.00 7.83
CA GLN A 380 3.89 -4.98 8.20
C GLN A 380 4.29 -5.83 9.37
N PHE A 381 5.57 -6.19 9.43
CA PHE A 381 6.04 -7.01 10.59
C PHE A 381 5.93 -6.14 11.89
N LEU A 382 6.17 -4.85 11.76
CA LEU A 382 6.05 -3.94 12.91
C LEU A 382 4.61 -3.99 13.40
N GLU A 383 3.70 -3.82 12.45
CA GLU A 383 2.29 -3.83 12.78
C GLU A 383 1.89 -5.16 13.43
N ASP A 384 2.41 -6.25 12.86
CA ASP A 384 2.04 -7.56 13.35
C ASP A 384 2.58 -7.89 14.72
N SER A 385 3.57 -7.15 15.22
CA SER A 385 4.01 -7.36 16.65
C SER A 385 3.58 -6.20 17.59
N SER A 386 2.71 -5.30 17.08
CA SER A 386 2.22 -4.13 17.81
C SER A 386 0.91 -4.54 18.42
N PRO A 387 0.34 -3.70 19.27
CA PRO A 387 -1.00 -4.06 19.82
C PRO A 387 -2.13 -3.98 18.78
N LEU A 388 -1.85 -3.44 17.60
CA LEU A 388 -2.80 -3.40 16.48
C LEU A 388 -2.79 -4.72 15.67
N SER A 389 -1.96 -5.66 16.05
CA SER A 389 -1.87 -6.95 15.38
C SER A 389 -3.24 -7.58 15.13
N HIS A 390 -3.46 -7.94 13.87
CA HIS A 390 -4.67 -8.58 13.43
C HIS A 390 -4.40 -9.60 12.36
N PRO A 391 -5.29 -10.59 12.23
CA PRO A 391 -5.13 -11.50 11.11
C PRO A 391 -5.57 -10.78 9.81
N ILE A 392 -5.21 -11.33 8.66
CA ILE A 392 -5.66 -10.73 7.39
C ILE A 392 -7.18 -10.68 7.20
N ARG A 393 -7.92 -11.56 7.87
CA ARG A 393 -9.37 -11.48 7.94
C ARG A 393 -9.72 -11.18 9.42
N PRO A 394 -9.92 -9.93 9.77
CA PRO A 394 -10.15 -9.60 11.20
C PRO A 394 -11.43 -10.19 11.81
N GLU A 395 -11.52 -10.21 13.12
CA GLU A 395 -12.69 -10.74 13.82
C GLU A 395 -13.72 -9.63 14.18
N SER A 396 -13.28 -8.39 14.29
CA SER A 396 -14.20 -7.30 14.68
C SER A 396 -13.68 -5.96 14.24
N TYR A 397 -14.59 -5.00 14.09
CA TYR A 397 -14.19 -3.58 13.86
C TYR A 397 -15.16 -2.62 14.49
N VAL A 398 -14.72 -1.37 14.66
CA VAL A 398 -15.64 -0.28 14.92
C VAL A 398 -15.70 0.57 13.67
N SER A 399 -14.59 1.19 13.26
CA SER A 399 -14.55 2.01 12.05
C SER A 399 -13.81 1.16 10.99
N MET A 400 -14.56 0.85 9.94
CA MET A 400 -14.12 0.14 8.76
C MET A 400 -12.76 0.56 8.17
N GLU A 401 -12.57 1.86 8.13
CA GLU A 401 -11.43 2.55 7.61
C GLU A 401 -10.14 2.17 8.31
N ASN A 402 -10.22 1.69 9.56
CA ASN A 402 -9.02 1.26 10.28
C ASN A 402 -8.49 -0.12 9.86
N PHE A 403 -9.25 -0.81 8.99
CA PHE A 403 -8.88 -2.12 8.37
C PHE A 403 -8.11 -2.08 7.09
N TYR A 404 -7.95 -0.91 6.52
CA TYR A 404 -7.22 -0.77 5.30
C TYR A 404 -5.74 -0.71 5.64
N THR A 405 -5.20 -1.88 5.99
CA THR A 405 -3.88 -1.98 6.59
C THR A 405 -2.85 -2.71 5.75
N THR A 406 -1.58 -2.48 6.04
CA THR A 406 -0.53 -3.26 5.40
C THR A 406 -0.70 -4.74 5.71
N THR A 407 -1.31 -5.09 6.84
CA THR A 407 -1.63 -6.50 7.11
C THR A 407 -2.58 -7.01 6.08
N VAL A 408 -3.71 -6.33 5.93
CA VAL A 408 -4.77 -6.80 5.01
C VAL A 408 -4.30 -6.78 3.54
N TYR A 409 -3.54 -5.75 3.19
CA TYR A 409 -3.01 -5.59 1.83
C TYR A 409 -1.79 -6.42 1.50
N ASP A 410 -0.72 -6.18 2.24
CA ASP A 410 0.59 -6.77 1.95
C ASP A 410 0.79 -8.16 2.50
N LYS A 411 0.47 -8.41 3.78
CA LYS A 411 0.46 -9.81 4.24
C LYS A 411 -0.58 -10.56 3.38
N GLY A 412 -1.69 -9.94 3.09
CA GLY A 412 -2.69 -10.57 2.26
C GLY A 412 -2.16 -10.97 0.90
N SER A 413 -1.39 -10.07 0.27
CA SER A 413 -0.77 -10.43 -0.97
C SER A 413 0.16 -11.61 -0.87
N GLU A 414 0.92 -11.73 0.21
CA GLU A 414 1.85 -12.82 0.36
C GLU A 414 1.08 -14.12 0.59
N VAL A 415 -0.01 -14.07 1.32
CA VAL A 415 -0.83 -15.24 1.45
C VAL A 415 -1.43 -15.69 0.10
N MET A 416 -1.86 -14.73 -0.71
CA MET A 416 -2.38 -15.05 -2.03
C MET A 416 -1.24 -15.56 -2.97
N ARG A 417 -0.03 -15.04 -2.81
CA ARG A 417 1.10 -15.49 -3.64
C ARG A 417 1.54 -16.90 -3.26
N MET A 418 1.35 -17.31 -2.01
CA MET A 418 1.81 -18.67 -1.61
C MET A 418 1.01 -19.74 -2.34
N TYR A 419 -0.22 -19.44 -2.69
CA TYR A 419 -0.99 -20.40 -3.45
C TYR A 419 -0.33 -20.69 -4.79
N LEU A 420 0.22 -19.63 -5.41
CA LEU A 420 0.91 -19.79 -6.66
C LEU A 420 2.20 -20.60 -6.47
N THR A 421 2.99 -20.32 -5.44
CA THR A 421 4.20 -21.08 -5.10
C THR A 421 3.90 -22.58 -4.82
N ILE A 422 2.84 -22.87 -4.06
CA ILE A 422 2.42 -24.22 -3.77
C ILE A 422 1.90 -24.98 -5.02
N LEU A 423 1.01 -24.34 -5.80
CA LEU A 423 0.36 -25.01 -6.90
C LEU A 423 1.18 -25.04 -8.16
N GLY A 424 2.03 -24.05 -8.31
CA GLY A 424 2.63 -23.79 -9.61
C GLY A 424 1.66 -23.12 -10.55
N GLU A 425 2.22 -22.64 -11.65
CA GLU A 425 1.57 -21.75 -12.60
C GLU A 425 0.30 -22.29 -13.24
N GLU A 426 0.35 -23.52 -13.73
CA GLU A 426 -0.80 -24.09 -14.43
C GLU A 426 -1.89 -24.52 -13.45
N TYR A 427 -1.56 -25.13 -12.31
CA TYR A 427 -2.60 -25.45 -11.35
C TYR A 427 -3.17 -24.23 -10.64
N TYR A 428 -2.34 -23.18 -10.49
CA TYR A 428 -2.83 -21.91 -9.91
C TYR A 428 -3.91 -21.26 -10.82
N LYS A 429 -3.57 -21.17 -12.11
CA LYS A 429 -4.46 -20.65 -13.11
C LYS A 429 -5.74 -21.42 -13.09
N LYS A 430 -5.65 -22.75 -13.05
CA LYS A 430 -6.89 -23.53 -12.98
C LYS A 430 -7.66 -23.18 -11.72
N GLY A 431 -7.02 -23.10 -10.57
CA GLY A 431 -7.76 -22.72 -9.33
C GLY A 431 -8.43 -21.35 -9.42
N PHE A 432 -7.68 -20.39 -9.98
CA PHE A 432 -8.18 -19.01 -10.10
C PHE A 432 -9.41 -18.95 -11.05
N ASP A 433 -9.31 -19.62 -12.19
CA ASP A 433 -10.41 -19.69 -13.12
C ASP A 433 -11.67 -20.27 -12.45
N ILE A 434 -11.54 -21.31 -11.64
CA ILE A 434 -12.67 -21.88 -10.88
C ILE A 434 -13.28 -20.83 -9.94
N TYR A 435 -12.39 -20.07 -9.26
CA TYR A 435 -12.87 -18.96 -8.39
C TYR A 435 -13.70 -17.93 -9.18
N ILE A 436 -13.11 -17.48 -10.29
CA ILE A 436 -13.77 -16.48 -11.12
C ILE A 436 -15.13 -17.00 -11.62
N LYS A 437 -15.15 -18.19 -12.22
CA LYS A 437 -16.35 -18.76 -12.85
C LYS A 437 -17.48 -18.92 -11.84
N LYS A 438 -17.21 -19.57 -10.70
CA LYS A 438 -18.26 -19.85 -9.65
C LYS A 438 -18.94 -18.59 -9.13
N ASN A 439 -18.12 -17.60 -8.81
CA ASN A 439 -18.58 -16.45 -8.05
C ASN A 439 -18.85 -15.20 -8.86
N ASP A 440 -18.71 -15.30 -10.18
CA ASP A 440 -18.89 -14.16 -11.09
C ASP A 440 -20.27 -13.55 -10.97
N GLY A 441 -20.29 -12.23 -10.85
CA GLY A 441 -21.53 -11.47 -10.65
C GLY A 441 -22.15 -11.55 -9.27
N ASN A 442 -21.37 -11.96 -8.27
CA ASN A 442 -21.93 -12.24 -6.94
C ASN A 442 -20.84 -11.87 -5.90
N THR A 443 -21.22 -11.98 -4.64
CA THR A 443 -20.34 -11.76 -3.51
C THR A 443 -19.62 -13.05 -3.23
N ALA A 444 -18.53 -12.92 -2.49
CA ALA A 444 -17.69 -14.07 -2.14
C ALA A 444 -16.97 -13.87 -0.81
N THR A 445 -16.48 -14.99 -0.27
CA THR A 445 -15.78 -15.01 1.02
C THR A 445 -14.36 -15.59 0.83
N CYS A 446 -13.48 -15.40 1.82
CA CYS A 446 -12.17 -16.00 1.75
C CYS A 446 -12.29 -17.54 1.62
N GLU A 447 -13.30 -18.17 2.27
CA GLU A 447 -13.50 -19.64 2.13
C GLU A 447 -13.71 -20.03 0.66
N ASP A 448 -14.48 -19.23 -0.08
CA ASP A 448 -14.68 -19.50 -1.52
C ASP A 448 -13.34 -19.53 -2.31
N PHE A 449 -12.42 -18.64 -1.98
CA PHE A 449 -11.16 -18.62 -2.71
C PHE A 449 -10.33 -19.86 -2.37
N ASN A 450 -10.27 -20.24 -1.08
CA ASN A 450 -9.46 -21.36 -0.63
C ASN A 450 -10.08 -22.66 -1.16
N TYR A 451 -11.42 -22.72 -1.14
CA TYR A 451 -12.16 -23.83 -1.77
C TYR A 451 -11.73 -24.01 -3.22
N ALA A 452 -11.67 -22.94 -3.99
CA ALA A 452 -11.25 -23.07 -5.40
C ALA A 452 -9.82 -23.52 -5.58
N MET A 453 -8.94 -22.94 -4.76
CA MET A 453 -7.53 -23.37 -4.75
C MET A 453 -7.40 -24.84 -4.28
N GLU A 454 -8.25 -25.24 -3.34
CA GLU A 454 -8.31 -26.65 -2.91
C GLU A 454 -8.64 -27.65 -4.07
N GLN A 455 -9.58 -27.28 -4.96
CA GLN A 455 -9.91 -28.18 -6.10
C GLN A 455 -8.70 -28.30 -7.02
N ALA A 456 -7.94 -27.23 -7.20
CA ALA A 456 -6.74 -27.28 -8.02
C ALA A 456 -5.69 -28.13 -7.34
N TYR A 457 -5.61 -28.01 -6.01
CA TYR A 457 -4.65 -28.79 -5.18
C TYR A 457 -4.97 -30.31 -5.29
N LYS A 458 -6.24 -30.68 -5.10
CA LYS A 458 -6.69 -32.06 -5.28
C LYS A 458 -6.18 -32.61 -6.62
N MET A 459 -6.41 -31.87 -7.72
CA MET A 459 -5.96 -32.22 -9.08
C MET A 459 -4.45 -32.44 -9.09
N LYS A 460 -3.70 -31.45 -8.61
CA LYS A 460 -2.21 -31.52 -8.67
C LYS A 460 -1.61 -32.73 -7.97
N LYS A 461 -2.17 -33.09 -6.81
CA LYS A 461 -1.71 -34.23 -5.98
C LYS A 461 -2.34 -35.59 -6.41
N ALA A 462 -3.28 -35.53 -7.36
CA ALA A 462 -3.97 -36.71 -7.93
C ALA A 462 -5.00 -37.34 -6.96
N ASP A 463 -5.31 -36.59 -5.89
CA ASP A 463 -5.67 -37.15 -4.58
C ASP A 463 -6.82 -36.36 -3.89
N ASN A 464 -7.99 -36.98 -3.75
CA ASN A 464 -9.16 -36.30 -3.14
C ASN A 464 -9.21 -36.23 -1.60
N SER A 465 -8.35 -36.98 -0.92
CA SER A 465 -8.14 -36.78 0.52
C SER A 465 -7.43 -35.43 0.82
N ALA A 466 -6.45 -35.03 0.01
CA ALA A 466 -5.71 -33.76 0.18
C ALA A 466 -6.66 -32.57 0.25
N ASN A 467 -6.41 -31.69 1.22
CA ASN A 467 -7.19 -30.48 1.40
C ASN A 467 -6.30 -29.33 1.90
N LEU A 468 -6.89 -28.16 1.92
CA LEU A 468 -6.20 -26.96 2.28
C LEU A 468 -6.85 -26.40 3.54
N ASN A 469 -7.38 -27.29 4.41
CA ASN A 469 -8.05 -26.81 5.61
CA ASN A 469 -8.06 -26.86 5.64
C ASN A 469 -7.07 -26.06 6.47
N GLN A 470 -5.88 -26.63 6.62
CA GLN A 470 -4.80 -26.01 7.39
C GLN A 470 -4.44 -24.62 6.80
N TYR A 471 -4.52 -24.49 5.46
CA TYR A 471 -4.21 -23.24 4.78
C TYR A 471 -5.07 -22.09 5.35
N LEU A 472 -6.30 -22.37 5.81
CA LEU A 472 -7.16 -21.33 6.33
C LEU A 472 -6.61 -20.55 7.52
N LEU A 473 -5.69 -21.13 8.30
CA LEU A 473 -5.07 -20.42 9.38
C LEU A 473 -4.27 -19.20 8.89
N TRP A 474 -3.85 -19.16 7.62
CA TRP A 474 -3.25 -17.91 7.11
C TRP A 474 -4.17 -16.67 7.15
N PHE A 475 -5.48 -16.92 7.10
CA PHE A 475 -6.53 -15.92 7.25
C PHE A 475 -6.95 -15.56 8.67
N SER A 476 -6.91 -16.51 9.60
CA SER A 476 -7.46 -16.38 10.95
C SER A 476 -6.41 -16.09 12.00
N GLN A 477 -5.18 -16.54 11.80
CA GLN A 477 -4.19 -16.43 12.85
C GLN A 477 -3.29 -15.22 12.60
N SER A 478 -3.17 -14.40 13.63
CA SER A 478 -2.36 -13.18 13.58
C SER A 478 -0.89 -13.50 13.92
N GLY A 479 -0.01 -12.53 13.66
CA GLY A 479 1.42 -12.65 13.96
C GLY A 479 2.29 -13.27 12.87
N THR A 480 3.58 -13.02 12.99
CA THR A 480 4.54 -13.46 12.03
C THR A 480 5.22 -14.74 12.50
N PRO A 481 5.17 -15.84 11.73
CA PRO A 481 5.90 -17.03 12.13
C PRO A 481 7.40 -16.82 12.07
N HIS A 482 8.09 -17.58 12.92
CA HIS A 482 9.55 -17.63 12.96
C HIS A 482 9.89 -19.01 12.44
N VAL A 483 10.69 -19.08 11.39
CA VAL A 483 11.11 -20.35 10.82
C VAL A 483 12.60 -20.44 11.00
N SER A 484 13.02 -21.48 11.71
CA SER A 484 14.47 -21.71 12.03
C SER A 484 14.96 -23.04 11.51
N PHE A 485 16.28 -23.13 11.37
CA PHE A 485 16.95 -24.21 10.63
C PHE A 485 18.15 -24.77 11.35
N LYS A 486 18.29 -26.10 11.28
CA LYS A 486 19.53 -26.81 11.69
C LYS A 486 19.86 -27.84 10.59
N TYR A 487 21.15 -28.10 10.45
CA TYR A 487 21.68 -28.85 9.31
C TYR A 487 22.56 -29.99 9.79
N ASN A 488 22.56 -31.05 9.01
CA ASN A 488 23.54 -32.11 9.17
C ASN A 488 24.01 -32.60 7.77
N TYR A 489 25.28 -32.88 7.62
CA TYR A 489 25.82 -33.48 6.38
C TYR A 489 26.66 -34.69 6.76
N ASP A 490 26.29 -35.86 6.20
CA ASP A 490 27.04 -37.11 6.32
C ASP A 490 27.84 -37.28 4.97
N ALA A 491 29.13 -36.96 5.02
CA ALA A 491 29.98 -36.83 3.83
C ALA A 491 30.33 -38.16 3.16
N GLU A 492 30.18 -39.27 3.86
CA GLU A 492 30.41 -40.60 3.28
C GLU A 492 29.15 -41.12 2.59
N LYS A 493 28.00 -40.86 3.22
CA LYS A 493 26.71 -41.25 2.66
C LYS A 493 26.14 -40.24 1.58
N LYS A 494 26.82 -39.08 1.47
CA LYS A 494 26.39 -37.98 0.55
C LYS A 494 24.94 -37.54 0.84
N GLN A 495 24.65 -37.32 2.12
CA GLN A 495 23.28 -37.09 2.56
C GLN A 495 23.23 -35.85 3.42
N TYR A 496 22.32 -34.95 3.07
CA TYR A 496 22.20 -33.69 3.74
C TYR A 496 20.86 -33.57 4.28
N SER A 497 20.73 -33.05 5.47
CA SER A 497 19.42 -32.92 6.00
C SER A 497 19.20 -31.49 6.55
N ILE A 498 17.98 -30.98 6.37
CA ILE A 498 17.53 -29.68 6.89
C ILE A 498 16.41 -29.90 7.83
N HIS A 499 16.64 -29.56 9.09
CA HIS A 499 15.65 -29.61 10.13
C HIS A 499 15.05 -28.18 10.35
N VAL A 500 13.74 -28.07 10.23
CA VAL A 500 13.00 -26.85 10.21
C VAL A 500 12.07 -26.86 11.37
N ASN A 501 12.02 -25.74 12.07
CA ASN A 501 11.06 -25.47 13.16
C ASN A 501 10.27 -24.19 12.79
N GLN A 502 8.97 -24.17 13.13
CA GLN A 502 8.16 -22.93 13.11
C GLN A 502 7.54 -22.67 14.47
N TYR A 503 7.26 -21.41 14.71
CA TYR A 503 6.72 -20.93 15.98
C TYR A 503 6.05 -19.57 15.70
N THR A 504 4.86 -19.36 16.22
CA THR A 504 4.30 -18.02 16.18
C THR A 504 4.09 -17.65 17.65
N LYS A 505 4.45 -16.42 18.01
CA LYS A 505 4.33 -15.92 19.37
C LYS A 505 2.83 -15.70 19.70
N PRO A 506 2.36 -16.24 20.84
CA PRO A 506 0.98 -16.02 21.22
C PRO A 506 0.70 -14.54 21.42
N ASP A 507 -0.53 -14.08 21.14
CA ASP A 507 -0.87 -12.65 21.22
C ASP A 507 -2.34 -12.54 21.65
N GLU A 508 -2.95 -11.35 21.55
CA GLU A 508 -4.35 -11.12 22.03
C GLU A 508 -5.42 -11.83 21.22
N ASN A 509 -5.09 -12.19 19.98
CA ASN A 509 -6.03 -12.90 19.09
C ASN A 509 -6.05 -14.40 19.35
N GLN A 510 -4.89 -15.03 19.57
CA GLN A 510 -4.86 -16.45 19.86
C GLN A 510 -3.83 -16.70 20.95
N LYS A 511 -4.29 -17.35 21.99
CA LYS A 511 -3.38 -17.67 23.10
C LYS A 511 -2.53 -18.93 22.78
N GLU A 512 -3.06 -19.80 21.92
CA GLU A 512 -2.31 -20.95 21.36
C GLU A 512 -2.25 -20.80 19.82
N LYS A 513 -1.05 -20.82 19.27
CA LYS A 513 -0.84 -20.64 17.83
C LYS A 513 -0.61 -21.99 17.20
N LYS A 514 -1.33 -22.28 16.14
CA LYS A 514 -1.20 -23.57 15.44
C LYS A 514 -0.15 -23.50 14.32
N PRO A 515 0.51 -24.64 14.00
CA PRO A 515 1.42 -24.65 12.86
C PRO A 515 0.72 -24.29 11.52
N LEU A 516 1.38 -23.52 10.68
CA LEU A 516 0.82 -23.10 9.36
C LEU A 516 1.31 -24.02 8.29
N PHE A 517 0.68 -23.99 7.12
CA PHE A 517 1.21 -24.59 5.89
C PHE A 517 2.24 -23.58 5.30
N ILE A 518 3.52 -23.87 5.46
CA ILE A 518 4.61 -22.97 5.07
C ILE A 518 5.39 -23.56 3.91
N PRO A 519 5.27 -22.97 2.70
CA PRO A 519 6.14 -23.41 1.60
C PRO A 519 7.50 -22.71 1.61
N ILE A 520 8.57 -23.51 1.56
CA ILE A 520 9.92 -23.05 1.65
C ILE A 520 10.62 -23.45 0.34
N SER A 521 10.73 -22.52 -0.58
CA SER A 521 11.47 -22.69 -1.81
CA SER A 521 11.48 -22.71 -1.80
C SER A 521 12.99 -22.75 -1.47
N VAL A 522 13.69 -23.79 -1.92
CA VAL A 522 15.10 -23.97 -1.60
C VAL A 522 15.96 -24.39 -2.76
N GLY A 523 17.21 -23.97 -2.68
CA GLY A 523 18.28 -24.66 -3.44
C GLY A 523 19.47 -24.93 -2.57
N LEU A 524 20.48 -25.55 -3.16
CA LEU A 524 21.72 -25.90 -2.46
C LEU A 524 22.88 -25.51 -3.29
N ILE A 525 23.80 -24.73 -2.70
CA ILE A 525 24.93 -24.17 -3.43
C ILE A 525 26.22 -24.94 -3.03
N ASN A 526 27.05 -25.29 -4.01
CA ASN A 526 28.34 -25.87 -3.74
C ASN A 526 29.26 -24.73 -3.39
N PRO A 527 29.79 -24.71 -2.15
CA PRO A 527 30.53 -23.52 -1.69
C PRO A 527 31.91 -23.37 -2.25
N GLU A 528 32.47 -24.40 -2.88
CA GLU A 528 33.81 -24.24 -3.45
C GLU A 528 33.75 -23.70 -4.89
N ASN A 529 32.63 -23.90 -5.62
CA ASN A 529 32.48 -23.38 -6.98
C ASN A 529 31.25 -22.49 -7.21
N GLY A 530 30.40 -22.29 -6.18
CA GLY A 530 29.21 -21.46 -6.33
C GLY A 530 28.08 -21.94 -7.21
N LYS A 531 28.09 -23.22 -7.60
CA LYS A 531 27.05 -23.78 -8.47
C LYS A 531 25.94 -24.48 -7.72
N GLU A 532 24.81 -24.56 -8.41
CA GLU A 532 23.58 -25.17 -7.90
C GLU A 532 23.78 -26.63 -7.85
N MET A 533 23.35 -27.27 -6.77
CA MET A 533 23.51 -28.71 -6.69
C MET A 533 22.22 -29.47 -6.91
N ILE A 534 21.06 -28.81 -6.77
CA ILE A 534 19.76 -29.49 -7.00
C ILE A 534 18.84 -28.60 -7.83
N SER A 535 17.84 -29.24 -8.40
CA SER A 535 16.70 -28.57 -9.01
C SER A 535 15.98 -27.88 -7.85
N GLN A 536 15.57 -26.63 -8.08
CA GLN A 536 14.87 -25.90 -7.06
C GLN A 536 13.59 -26.67 -6.70
N THR A 537 13.25 -26.62 -5.44
CA THR A 537 12.16 -27.43 -4.94
C THR A 537 11.52 -26.65 -3.81
N THR A 538 10.31 -27.00 -3.52
CA THR A 538 9.53 -26.29 -2.59
C THR A 538 9.26 -27.30 -1.45
N LEU A 539 9.84 -27.07 -0.28
CA LEU A 539 9.53 -27.91 0.88
C LEU A 539 8.16 -27.44 1.44
N GLU A 540 7.28 -28.36 1.81
CA GLU A 540 6.01 -28.06 2.43
C GLU A 540 6.09 -28.41 3.92
N LEU A 541 6.42 -27.42 4.73
CA LEU A 541 6.33 -27.58 6.18
C LEU A 541 4.87 -27.40 6.63
N THR A 542 4.26 -28.45 7.14
CA THR A 542 2.93 -28.39 7.70
C THR A 542 2.91 -28.66 9.22
N LYS A 543 4.01 -29.10 9.83
CA LYS A 543 4.06 -29.38 11.25
C LYS A 543 4.91 -28.31 11.92
N GLU A 544 4.95 -28.39 13.24
CA GLU A 544 5.77 -27.57 14.13
C GLU A 544 7.23 -27.71 13.77
N SER A 545 7.62 -28.93 13.47
CA SER A 545 8.93 -29.24 12.93
C SER A 545 8.96 -30.45 11.98
N ASP A 546 9.98 -30.50 11.13
CA ASP A 546 10.13 -31.54 10.22
C ASP A 546 11.57 -31.58 9.80
N THR A 547 12.03 -32.76 9.37
CA THR A 547 13.39 -32.90 8.85
C THR A 547 13.34 -33.30 7.37
N PHE A 548 14.02 -32.54 6.51
CA PHE A 548 14.00 -32.82 5.04
C PHE A 548 15.33 -33.33 4.62
N VAL A 549 15.37 -34.53 4.03
CA VAL A 549 16.65 -35.22 3.74
C VAL A 549 16.88 -35.25 2.24
N PHE A 550 18.11 -34.95 1.83
CA PHE A 550 18.46 -35.02 0.41
C PHE A 550 19.60 -36.01 0.22
N ASN A 551 19.47 -36.89 -0.75
CA ASN A 551 20.54 -37.81 -1.10
C ASN A 551 21.31 -37.31 -2.35
N ASN A 552 22.47 -37.92 -2.55
CA ASN A 552 23.39 -37.65 -3.65
C ASN A 552 23.83 -36.19 -3.66
N ILE A 553 24.25 -35.75 -2.47
CA ILE A 553 24.67 -34.41 -2.27
C ILE A 553 26.14 -34.55 -2.10
N ALA A 554 26.86 -34.15 -3.15
CA ALA A 554 28.28 -34.59 -3.32
C ALA A 554 29.29 -33.94 -2.40
N VAL A 555 29.03 -32.71 -1.98
CA VAL A 555 29.85 -32.02 -0.98
C VAL A 555 28.86 -31.36 -0.02
N LYS A 556 29.34 -30.91 1.12
CA LYS A 556 28.58 -30.13 2.08
C LYS A 556 28.11 -28.83 1.43
N PRO A 557 26.79 -28.67 1.23
CA PRO A 557 26.31 -27.48 0.58
C PRO A 557 26.15 -26.31 1.54
N ILE A 558 25.81 -25.17 0.99
CA ILE A 558 25.21 -24.06 1.70
C ILE A 558 23.77 -23.93 1.21
N PRO A 559 22.83 -23.96 2.15
CA PRO A 559 21.42 -23.90 1.75
C PRO A 559 21.01 -22.48 1.34
N SER A 560 20.20 -22.41 0.29
CA SER A 560 19.60 -21.18 -0.20
C SER A 560 18.12 -21.22 0.12
N LEU A 561 17.70 -20.56 1.20
CA LEU A 561 16.40 -20.75 1.85
C LEU A 561 15.39 -19.64 1.63
N PHE A 562 14.16 -20.03 1.35
CA PHE A 562 13.04 -19.09 1.15
C PHE A 562 13.31 -18.21 -0.06
N ARG A 563 13.74 -18.86 -1.14
CA ARG A 563 13.95 -18.21 -2.42
C ARG A 563 12.70 -17.48 -2.89
N GLY A 564 12.93 -16.28 -3.36
CA GLY A 564 11.85 -15.39 -3.73
C GLY A 564 11.06 -14.86 -2.54
N PHE A 565 11.54 -15.12 -1.31
CA PHE A 565 10.76 -14.91 -0.04
C PHE A 565 9.47 -15.68 -0.13
N SER A 566 9.52 -17.01 -0.02
CA SER A 566 8.37 -17.87 -0.32
C SER A 566 7.28 -17.95 0.69
N ALA A 567 7.47 -17.38 1.87
CA ALA A 567 6.41 -17.29 2.88
C ALA A 567 6.66 -16.09 3.77
N PRO A 568 5.58 -15.51 4.34
CA PRO A 568 5.76 -14.24 5.12
C PRO A 568 6.21 -14.46 6.61
N VAL A 569 7.51 -14.67 6.78
CA VAL A 569 8.08 -15.16 8.01
C VAL A 569 9.42 -14.50 8.40
N TYR A 570 9.74 -14.56 9.70
CA TYR A 570 11.07 -14.31 10.19
C TYR A 570 11.91 -15.55 9.89
N ILE A 571 12.96 -15.35 9.12
CA ILE A 571 13.83 -16.44 8.74
C ILE A 571 15.00 -16.37 9.68
N GLU A 572 15.26 -17.48 10.37
CA GLU A 572 16.56 -17.68 11.08
C GLU A 572 17.42 -18.75 10.37
N ASP A 573 18.38 -18.31 9.57
CA ASP A 573 19.12 -19.22 8.66
C ASP A 573 20.18 -20.05 9.38
N ASN A 574 20.60 -19.65 10.60
CA ASN A 574 21.67 -20.29 11.36
CA ASN A 574 21.63 -20.42 11.32
C ASN A 574 22.94 -20.56 10.50
N LEU A 575 23.23 -19.63 9.62
CA LEU A 575 24.40 -19.68 8.79
C LEU A 575 25.43 -18.72 9.35
N THR A 576 26.71 -19.08 9.16
CA THR A 576 27.82 -18.18 9.48
C THR A 576 27.89 -17.05 8.47
N ASP A 577 28.58 -16.00 8.89
CA ASP A 577 28.78 -14.88 8.00
C ASP A 577 29.56 -15.25 6.76
N GLU A 578 30.53 -16.14 6.94
CA GLU A 578 31.29 -16.68 5.80
C GLU A 578 30.35 -17.38 4.75
N GLU A 579 29.42 -18.19 5.23
CA GLU A 579 28.43 -18.88 4.37
C GLU A 579 27.46 -17.86 3.71
N ARG A 580 27.09 -16.82 4.44
CA ARG A 580 26.28 -15.76 3.90
C ARG A 580 26.96 -14.96 2.83
N ILE A 581 28.23 -14.65 3.01
CA ILE A 581 28.98 -13.98 1.98
C ILE A 581 28.96 -14.84 0.73
N LEU A 582 29.21 -16.14 0.85
CA LEU A 582 29.22 -17.04 -0.30
C LEU A 582 27.89 -17.01 -1.07
N LEU A 583 26.76 -17.03 -0.37
CA LEU A 583 25.45 -16.86 -1.02
C LEU A 583 25.33 -15.49 -1.65
N LEU A 584 25.78 -14.46 -0.92
CA LEU A 584 25.69 -13.14 -1.47
C LEU A 584 26.41 -13.05 -2.81
N LYS A 585 27.58 -13.67 -2.91
CA LYS A 585 28.35 -13.63 -4.16
C LYS A 585 27.76 -14.53 -5.25
N TYR A 586 27.37 -15.76 -4.91
CA TYR A 586 27.18 -16.78 -5.95
C TYR A 586 25.79 -17.35 -6.12
N ASP A 587 24.86 -17.05 -5.22
CA ASP A 587 23.54 -17.68 -5.24
C ASP A 587 22.83 -17.06 -6.43
N SER A 588 21.90 -17.84 -7.00
CA SER A 588 21.05 -17.40 -8.10
C SER A 588 19.84 -16.52 -7.71
N ASP A 589 19.33 -16.67 -6.49
CA ASP A 589 18.11 -16.05 -6.07
C ASP A 589 18.39 -14.67 -5.45
N ALA A 590 17.79 -13.65 -6.03
CA ALA A 590 18.08 -12.26 -5.64
C ALA A 590 17.64 -12.03 -4.16
N PHE A 591 16.51 -12.60 -3.76
CA PHE A 591 16.07 -12.49 -2.36
C PHE A 591 17.07 -13.11 -1.40
N VAL A 592 17.51 -14.33 -1.68
CA VAL A 592 18.41 -14.98 -0.74
C VAL A 592 19.71 -14.20 -0.59
N ARG A 593 20.21 -13.70 -1.69
CA ARG A 593 21.46 -12.90 -1.69
C ARG A 593 21.32 -11.67 -0.79
N TYR A 594 20.24 -10.93 -1.04
CA TYR A 594 19.86 -9.79 -0.32
C TYR A 594 19.60 -10.10 1.12
N ASN A 595 18.92 -11.21 1.42
CA ASN A 595 18.60 -11.56 2.80
C ASN A 595 19.87 -11.93 3.52
N SER A 596 20.77 -12.63 2.82
CA SER A 596 22.06 -13.02 3.43
C SER A 596 22.84 -11.74 3.89
N CYS A 597 22.87 -10.76 2.99
CA CYS A 597 23.43 -9.45 3.26
C CYS A 597 22.76 -8.77 4.48
N THR A 598 21.44 -8.71 4.45
CA THR A 598 20.65 -8.18 5.51
C THR A 598 20.99 -8.85 6.85
N ASN A 599 21.11 -10.18 6.88
CA ASN A 599 21.42 -10.91 8.14
C ASN A 599 22.80 -10.59 8.70
N ILE A 600 23.77 -10.43 7.81
CA ILE A 600 25.13 -9.98 8.20
C ILE A 600 25.04 -8.60 8.81
N TYR A 601 24.38 -7.68 8.14
CA TYR A 601 24.12 -6.35 8.74
C TYR A 601 23.45 -6.45 10.09
N MET A 602 22.40 -7.26 10.21
CA MET A 602 21.68 -7.31 11.49
C MET A 602 22.54 -7.88 12.59
N LYS A 603 23.32 -8.90 12.32
CA LYS A 603 24.23 -9.39 13.35
C LYS A 603 25.18 -8.26 13.86
N GLN A 604 25.73 -7.48 12.95
CA GLN A 604 26.65 -6.39 13.23
C GLN A 604 25.92 -5.32 14.03
N ILE A 605 24.74 -4.94 13.55
CA ILE A 605 23.89 -3.94 14.25
C ILE A 605 23.54 -4.33 15.69
N LEU A 606 23.12 -5.56 15.94
CA LEU A 606 22.77 -5.98 17.28
C LEU A 606 24.04 -6.04 18.17
N MET A 607 25.16 -6.45 17.61
CA MET A 607 26.42 -6.46 18.38
C MET A 607 26.86 -5.02 18.76
N ASN A 608 26.93 -4.11 17.79
CA ASN A 608 27.38 -2.74 18.10
C ASN A 608 26.33 -1.97 18.94
N TYR A 609 25.04 -2.22 18.69
CA TYR A 609 23.99 -1.63 19.50
C TYR A 609 24.18 -2.00 20.99
N ASN A 610 24.41 -3.28 21.26
CA ASN A 610 24.65 -3.76 22.62
C ASN A 610 25.89 -3.11 23.26
N GLU A 611 26.98 -2.98 22.50
CA GLU A 611 28.20 -2.39 22.97
C GLU A 611 28.02 -0.92 23.33
N PHE A 612 27.38 -0.16 22.45
CA PHE A 612 27.06 1.24 22.74
C PHE A 612 26.08 1.35 23.91
N LEU A 613 25.15 0.40 24.05
CA LEU A 613 24.15 0.47 25.11
C LEU A 613 24.81 0.28 26.48
N LYS A 614 25.58 -0.79 26.65
CA LYS A 614 26.38 -1.03 27.84
C LYS A 614 27.29 0.19 28.15
N ALA A 615 27.87 0.80 27.14
CA ALA A 615 28.74 1.99 27.38
C ALA A 615 27.97 3.16 28.03
N LYS A 616 26.84 3.52 27.44
CA LYS A 616 25.93 4.54 27.99
C LYS A 616 25.43 4.21 29.43
N ASN A 617 24.89 3.01 29.63
CA ASN A 617 24.22 2.67 30.89
C ASN A 617 25.21 2.50 32.01
N GLU A 618 26.38 1.89 31.73
CA GLU A 618 27.43 1.71 32.75
C GLU A 618 28.38 2.95 32.92
N LYS A 619 28.14 4.02 32.14
CA LYS A 619 28.90 5.29 32.19
C LYS A 619 30.42 5.13 31.89
N LEU A 620 30.76 4.24 30.96
CA LEU A 620 32.15 3.85 30.74
C LEU A 620 32.97 5.02 30.21
N GLU A 621 34.21 5.12 30.68
CA GLU A 621 35.20 6.09 30.17
C GLU A 621 35.87 5.60 28.86
N SER A 622 35.84 4.29 28.64
CA SER A 622 36.43 3.66 27.46
C SER A 622 35.74 2.31 27.14
N PHE A 623 35.75 1.91 25.90
CA PHE A 623 35.15 0.62 25.53
C PHE A 623 35.54 0.21 24.12
N ASN A 624 35.18 -1.01 23.74
CA ASN A 624 35.46 -1.51 22.36
C ASN A 624 34.22 -1.62 21.49
N LEU A 625 34.42 -1.36 20.22
CA LEU A 625 33.38 -1.76 19.22
C LEU A 625 33.90 -2.89 18.31
N THR A 626 33.07 -3.88 18.05
CA THR A 626 33.42 -4.88 17.08
C THR A 626 33.41 -4.25 15.69
N PRO A 627 34.53 -4.32 14.97
CA PRO A 627 34.52 -3.87 13.60
C PRO A 627 33.65 -4.68 12.64
N VAL A 628 33.28 -4.06 11.52
CA VAL A 628 32.52 -4.70 10.48
C VAL A 628 33.37 -5.77 9.83
N ASN A 629 32.80 -6.93 9.52
CA ASN A 629 33.56 -8.05 8.99
C ASN A 629 34.27 -7.65 7.69
N ALA A 630 35.57 -7.90 7.61
CA ALA A 630 36.39 -7.38 6.53
C ALA A 630 36.17 -8.17 5.23
N GLN A 631 35.77 -9.44 5.36
CA GLN A 631 35.43 -10.26 4.16
C GLN A 631 34.07 -9.78 3.62
N PHE A 632 33.14 -9.33 4.45
CA PHE A 632 31.89 -8.76 3.96
C PHE A 632 32.12 -7.49 3.14
N ILE A 633 32.91 -6.57 3.69
CA ILE A 633 33.34 -5.38 2.94
C ILE A 633 34.00 -5.72 1.59
N ASP A 634 34.89 -6.72 1.58
CA ASP A 634 35.48 -7.21 0.30
C ASP A 634 34.37 -7.73 -0.66
N ALA A 635 33.39 -8.49 -0.15
CA ALA A 635 32.31 -8.95 -1.02
C ALA A 635 31.51 -7.77 -1.58
N ILE A 636 31.29 -6.75 -0.76
CA ILE A 636 30.56 -5.58 -1.24
C ILE A 636 31.33 -4.93 -2.40
N LYS A 637 32.63 -4.76 -2.21
CA LYS A 637 33.52 -4.20 -3.26
C LYS A 637 33.43 -5.00 -4.54
N TYR A 638 33.58 -6.30 -4.39
CA TYR A 638 33.53 -7.23 -5.53
C TYR A 638 32.23 -7.06 -6.33
N LEU A 639 31.10 -7.03 -5.63
CA LEU A 639 29.83 -6.84 -6.29
C LEU A 639 29.79 -5.51 -6.98
N LEU A 640 30.14 -4.47 -6.25
CA LEU A 640 30.08 -3.14 -6.86
C LEU A 640 31.00 -2.95 -8.10
N GLU A 641 32.13 -3.64 -8.10
CA GLU A 641 33.10 -3.50 -9.22
C GLU A 641 32.76 -4.40 -10.41
N ASP A 642 31.71 -5.22 -10.30
CA ASP A 642 31.30 -6.09 -11.35
C ASP A 642 30.41 -5.26 -12.28
N PRO A 643 30.97 -4.89 -13.45
CA PRO A 643 30.21 -4.09 -14.40
C PRO A 643 28.98 -4.82 -14.96
N HIS A 644 28.93 -6.16 -14.85
CA HIS A 644 27.75 -6.92 -15.32
C HIS A 644 26.74 -7.25 -14.23
N ALA A 645 26.92 -6.74 -13.02
CA ALA A 645 25.94 -6.95 -11.94
C ALA A 645 24.87 -5.85 -11.93
N ASP A 646 23.71 -6.17 -11.36
CA ASP A 646 22.52 -5.34 -11.46
C ASP A 646 22.64 -4.08 -10.58
N ALA A 647 22.40 -2.92 -11.17
CA ALA A 647 22.60 -1.69 -10.44
C ALA A 647 21.57 -1.48 -9.29
N GLY A 648 20.32 -1.86 -9.49
CA GLY A 648 19.36 -1.83 -8.38
C GLY A 648 19.79 -2.71 -7.22
N PHE A 649 20.25 -3.93 -7.51
CA PHE A 649 20.70 -4.85 -6.50
C PHE A 649 21.82 -4.20 -5.70
N LYS A 650 22.77 -3.58 -6.40
CA LYS A 650 23.84 -2.90 -5.73
C LYS A 650 23.38 -1.82 -4.71
N SER A 651 22.38 -1.02 -5.07
CA SER A 651 21.85 -0.03 -4.12
C SER A 651 21.25 -0.67 -2.85
N TYR A 652 20.72 -1.89 -2.92
CA TYR A 652 20.26 -2.61 -1.72
C TYR A 652 21.41 -3.08 -0.81
N ILE A 653 22.51 -3.47 -1.38
CA ILE A 653 23.64 -3.98 -0.61
C ILE A 653 24.40 -2.90 0.17
N VAL A 654 24.50 -1.68 -0.37
CA VAL A 654 25.21 -0.58 0.34
C VAL A 654 24.34 0.18 1.35
N SER A 655 23.08 -0.21 1.50
CA SER A 655 22.21 0.46 2.48
C SER A 655 21.91 -0.54 3.60
N LEU A 656 21.87 -0.03 4.84
CA LEU A 656 21.63 -0.90 6.00
C LEU A 656 20.16 -1.24 5.98
N PRO A 657 19.73 -2.28 6.72
CA PRO A 657 18.28 -2.51 6.87
C PRO A 657 17.55 -1.25 7.44
N GLN A 658 16.32 -1.07 7.02
CA GLN A 658 15.49 0.04 7.56
C GLN A 658 15.32 -0.04 9.06
N ASP A 659 15.20 1.14 9.68
CA ASP A 659 15.00 1.24 11.09
C ASP A 659 13.79 0.42 11.55
N ARG A 660 12.68 0.44 10.81
CA ARG A 660 11.45 -0.31 11.21
C ARG A 660 11.64 -1.83 11.16
N TYR A 661 12.59 -2.27 10.32
CA TYR A 661 13.01 -3.67 10.28
C TYR A 661 13.83 -3.98 11.52
N ILE A 662 14.88 -3.19 11.76
CA ILE A 662 15.74 -3.36 12.94
C ILE A 662 14.98 -3.48 14.26
N ILE A 663 13.96 -2.64 14.44
CA ILE A 663 13.24 -2.43 15.71
C ILE A 663 12.49 -3.68 16.08
N ASN A 664 12.09 -4.49 15.08
CA ASN A 664 11.50 -5.82 15.38
C ASN A 664 12.45 -6.74 16.17
N PHE A 665 13.78 -6.55 16.09
CA PHE A 665 14.76 -7.42 16.83
C PHE A 665 15.28 -6.82 18.14
N VAL A 666 14.73 -5.70 18.61
CA VAL A 666 15.29 -5.04 19.78
C VAL A 666 14.13 -4.62 20.66
N SER A 667 14.20 -4.90 21.96
CA SER A 667 13.26 -4.33 22.94
C SER A 667 13.90 -3.21 23.69
N ASN A 668 13.04 -2.31 24.10
CA ASN A 668 13.41 -1.18 24.90
C ASN A 668 14.38 -0.36 24.07
N LEU A 669 14.08 -0.19 22.78
CA LEU A 669 15.03 0.41 21.90
C LEU A 669 15.34 1.84 22.31
N ASP A 670 16.62 2.12 22.51
CA ASP A 670 17.14 3.46 22.60
C ASP A 670 17.52 3.93 21.20
N THR A 671 16.70 4.81 20.66
CA THR A 671 16.83 5.24 19.29
C THR A 671 18.15 6.01 19.05
N ASP A 672 18.71 6.67 20.07
CA ASP A 672 19.95 7.45 19.88
C ASP A 672 21.16 6.51 19.78
N VAL A 673 21.11 5.43 20.55
CA VAL A 673 22.08 4.34 20.44
C VAL A 673 22.00 3.67 19.07
N LEU A 674 20.79 3.37 18.59
CA LEU A 674 20.71 2.81 17.20
C LEU A 674 21.32 3.76 16.17
N ALA A 675 21.13 5.05 16.36
CA ALA A 675 21.66 6.06 15.42
C ALA A 675 23.19 6.07 15.47
N ASP A 676 23.76 5.98 16.67
CA ASP A 676 25.22 5.85 16.79
C ASP A 676 25.69 4.54 16.13
N THR A 677 24.94 3.45 16.31
CA THR A 677 25.26 2.15 15.66
C THR A 677 25.33 2.24 14.12
N LYS A 678 24.25 2.75 13.50
CA LYS A 678 24.21 2.82 12.05
C LYS A 678 25.35 3.76 11.56
N GLU A 679 25.57 4.86 12.24
CA GLU A 679 26.64 5.80 11.84
C GLU A 679 28.03 5.15 11.89
N TYR A 680 28.37 4.44 12.97
CA TYR A 680 29.65 3.67 13.04
C TYR A 680 29.81 2.66 11.90
N ILE A 681 28.71 1.90 11.67
CA ILE A 681 28.76 0.92 10.59
C ILE A 681 28.97 1.56 9.21
N TYR A 682 28.14 2.52 8.82
CA TYR A 682 28.36 3.26 7.54
C TYR A 682 29.80 3.83 7.40
N LYS A 683 30.33 4.40 8.50
CA LYS A 683 31.68 5.01 8.54
C LYS A 683 32.76 3.94 8.31
N GLN A 684 32.58 2.79 8.96
CA GLN A 684 33.51 1.65 8.78
C GLN A 684 33.59 1.22 7.31
N ILE A 685 32.43 1.03 6.70
CA ILE A 685 32.36 0.57 5.34
C ILE A 685 32.94 1.70 4.44
N GLY A 686 32.52 2.97 4.70
CA GLY A 686 33.00 4.15 3.98
C GLY A 686 34.50 4.28 3.95
N ASP A 687 35.12 4.07 5.10
CA ASP A 687 36.55 4.24 5.27
C ASP A 687 37.32 3.27 4.35
N LYS A 688 36.71 2.10 4.03
CA LYS A 688 37.23 1.16 3.01
C LYS A 688 36.75 1.38 1.59
N LEU A 689 35.49 1.77 1.35
CA LEU A 689 34.91 1.73 -0.02
C LEU A 689 34.65 3.07 -0.70
N ASN A 690 34.94 4.17 -0.02
CA ASN A 690 34.58 5.49 -0.55
C ASN A 690 35.19 5.77 -1.90
N ASP A 691 36.44 5.39 -2.10
CA ASP A 691 37.05 5.56 -3.45
C ASP A 691 36.38 4.69 -4.50
N VAL A 692 35.97 3.48 -4.10
CA VAL A 692 35.20 2.64 -5.03
C VAL A 692 33.83 3.31 -5.34
N TYR A 693 33.14 3.79 -4.31
CA TYR A 693 31.87 4.54 -4.47
C TYR A 693 31.98 5.72 -5.41
N TYR A 694 32.99 6.56 -5.17
CA TYR A 694 33.22 7.70 -6.05
C TYR A 694 33.47 7.26 -7.50
N LYS A 695 34.39 6.33 -7.67
CA LYS A 695 34.72 5.84 -9.00
C LYS A 695 33.44 5.33 -9.73
N MET A 696 32.61 4.55 -9.05
CA MET A 696 31.35 4.09 -9.69
C MET A 696 30.32 5.20 -9.93
N PHE A 697 30.20 6.15 -9.00
CA PHE A 697 29.34 7.29 -9.25
C PHE A 697 29.68 8.02 -10.56
N LYS A 698 30.97 8.23 -10.82
CA LYS A 698 31.44 8.89 -12.07
C LYS A 698 31.23 8.00 -13.29
N SER A 699 31.55 6.72 -13.21
CA SER A 699 31.49 5.88 -14.41
C SER A 699 30.07 5.45 -14.78
N LEU A 700 29.13 5.54 -13.85
CA LEU A 700 27.70 5.22 -14.15
C LEU A 700 26.94 6.32 -14.88
N GLU A 701 27.50 7.54 -14.85
CA GLU A 701 26.84 8.77 -15.30
C GLU A 701 26.28 8.65 -16.74
N ALA A 702 27.08 8.19 -17.68
CA ALA A 702 26.71 8.29 -19.09
C ALA A 702 25.48 7.43 -19.32
N LYS A 703 25.50 6.18 -18.83
CA LYS A 703 24.32 5.33 -19.02
C LYS A 703 23.22 5.74 -18.10
N ALA A 704 23.53 6.22 -16.90
CA ALA A 704 22.44 6.58 -15.96
C ALA A 704 21.64 7.73 -16.46
N ASP A 705 22.32 8.77 -16.92
CA ASP A 705 21.67 10.04 -17.31
C ASP A 705 21.44 10.25 -18.85
N ASP A 706 21.57 9.19 -19.63
CA ASP A 706 21.34 9.17 -21.04
C ASP A 706 19.90 9.58 -21.34
N LEU A 707 19.73 10.45 -22.33
CA LEU A 707 18.40 11.05 -22.58
C LEU A 707 17.53 10.33 -23.58
N THR A 708 17.86 9.08 -23.91
CA THR A 708 17.05 8.28 -24.78
C THR A 708 15.69 8.13 -24.06
N TYR A 709 14.62 8.28 -24.85
CA TYR A 709 13.26 8.22 -24.33
C TYR A 709 12.84 9.40 -23.43
N PHE A 710 13.68 10.41 -23.23
CA PHE A 710 13.31 11.56 -22.38
C PHE A 710 12.03 12.29 -22.84
N ASN A 711 11.72 12.25 -24.13
CA ASN A 711 10.53 12.88 -24.63
C ASN A 711 9.43 11.85 -25.00
N ASP A 712 9.58 10.61 -24.55
CA ASP A 712 8.57 9.56 -24.87
C ASP A 712 7.90 9.09 -23.53
N GLU A 713 6.66 9.52 -23.32
CA GLU A 713 5.90 9.15 -22.14
C GLU A 713 5.22 7.79 -22.21
N SER A 714 5.57 7.01 -23.21
CA SER A 714 4.97 5.70 -23.36
C SER A 714 5.97 4.65 -22.97
N HIS A 715 7.19 5.08 -22.59
CA HIS A 715 8.31 4.12 -22.43
C HIS A 715 9.21 4.48 -21.29
N VAL A 716 9.46 3.52 -20.43
CA VAL A 716 10.34 3.75 -19.31
C VAL A 716 11.37 2.63 -19.26
N ASP A 717 12.63 2.99 -19.06
CA ASP A 717 13.72 2.01 -18.93
C ASP A 717 13.99 1.86 -17.43
N PHE A 718 13.47 0.80 -16.84
CA PHE A 718 13.54 0.60 -15.42
C PHE A 718 14.94 0.24 -14.93
N ASP A 719 15.72 -0.45 -15.77
CA ASP A 719 17.13 -0.63 -15.50
C ASP A 719 17.92 0.69 -15.41
N GLN A 720 17.71 1.58 -16.37
CA GLN A 720 18.40 2.89 -16.29
C GLN A 720 17.97 3.64 -15.06
N MET A 721 16.70 3.53 -14.72
CA MET A 721 16.21 4.19 -13.50
C MET A 721 16.96 3.66 -12.26
N ASN A 722 17.16 2.34 -12.20
CA ASN A 722 17.97 1.72 -11.11
C ASN A 722 19.41 2.23 -11.09
N MET A 723 20.00 2.54 -12.25
CA MET A 723 21.35 3.19 -12.27
C MET A 723 21.33 4.56 -11.62
N ARG A 724 20.27 5.30 -11.83
CA ARG A 724 20.07 6.60 -11.15
C ARG A 724 19.93 6.44 -9.65
N THR A 725 19.13 5.46 -9.19
CA THR A 725 19.01 5.14 -7.77
C THR A 725 20.36 4.81 -7.19
N LEU A 726 21.14 3.98 -7.87
CA LEU A 726 22.48 3.63 -7.32
C LEU A 726 23.30 4.89 -7.23
N ARG A 727 23.30 5.70 -8.29
CA ARG A 727 24.20 6.88 -8.27
C ARG A 727 23.78 7.81 -7.13
N ASN A 728 22.47 7.93 -6.98
CA ASN A 728 21.93 8.79 -5.90
C ASN A 728 22.17 8.24 -4.50
N THR A 729 22.15 6.91 -4.38
CA THR A 729 22.52 6.27 -3.11
C THR A 729 24.00 6.49 -2.79
N LEU A 730 24.87 6.31 -3.77
CA LEU A 730 26.31 6.53 -3.55
C LEU A 730 26.66 7.96 -3.18
N LEU A 731 25.98 8.90 -3.82
CA LEU A 731 26.27 10.31 -3.57
C LEU A 731 25.90 10.66 -2.15
N SER A 732 24.79 10.10 -1.71
CA SER A 732 24.36 10.28 -0.32
C SER A 732 25.45 9.78 0.64
N LEU A 733 25.90 8.56 0.44
CA LEU A 733 26.98 8.00 1.25
C LEU A 733 28.26 8.90 1.19
N LEU A 734 28.63 9.35 0.00
CA LEU A 734 29.83 10.18 -0.14
C LEU A 734 29.66 11.52 0.50
N SER A 735 28.45 12.07 0.42
CA SER A 735 28.17 13.37 1.01
C SER A 735 28.27 13.35 2.51
N LYS A 736 27.58 12.41 3.14
CA LYS A 736 27.64 12.24 4.60
C LYS A 736 29.09 12.05 5.06
N ALA A 737 29.86 11.32 4.25
CA ALA A 737 31.28 11.04 4.55
C ALA A 737 32.20 12.30 4.39
N GLN A 738 31.72 13.35 3.75
CA GLN A 738 32.54 14.54 3.37
C GLN A 738 33.71 14.15 2.47
N TYR A 739 33.45 13.28 1.51
CA TYR A 739 34.50 12.83 0.59
C TYR A 739 35.10 14.07 -0.12
N PRO A 740 36.44 14.12 -0.31
CA PRO A 740 36.99 15.42 -0.74
C PRO A 740 36.36 15.93 -2.02
N ASN A 741 35.97 17.21 -2.02
CA ASN A 741 35.44 17.87 -3.21
C ASN A 741 34.14 17.31 -3.76
N ILE A 742 33.43 16.50 -2.94
CA ILE A 742 32.16 15.96 -3.40
C ILE A 742 31.16 17.08 -3.71
N LEU A 743 31.32 18.19 -3.00
CA LEU A 743 30.50 19.35 -3.29
C LEU A 743 30.43 19.73 -4.77
N ASN A 744 31.53 19.75 -5.53
CA ASN A 744 31.39 20.02 -6.98
C ASN A 744 30.43 19.04 -7.67
N GLU A 745 30.50 17.78 -7.28
CA GLU A 745 29.68 16.71 -7.89
C GLU A 745 28.21 17.00 -7.52
N ILE A 746 27.93 17.45 -6.29
CA ILE A 746 26.56 17.90 -5.88
C ILE A 746 26.06 19.06 -6.72
N ILE A 747 26.90 20.09 -6.90
CA ILE A 747 26.55 21.21 -7.82
C ILE A 747 26.19 20.76 -9.20
N GLU A 748 27.03 19.97 -9.86
CA GLU A 748 26.72 19.53 -11.22
C GLU A 748 25.45 18.72 -11.25
N HIS A 749 25.24 17.93 -10.20
CA HIS A 749 24.07 17.03 -10.12
C HIS A 749 22.77 17.82 -10.06
N SER A 750 22.80 18.95 -9.38
CA SER A 750 21.67 19.91 -9.40
C SER A 750 21.26 20.48 -10.74
N LYS A 751 22.11 20.34 -11.76
CA LYS A 751 21.80 20.79 -13.14
C LYS A 751 21.30 19.69 -14.07
N SER A 752 21.16 18.46 -13.57
CA SER A 752 20.64 17.38 -14.42
C SER A 752 19.18 17.64 -14.81
N PRO A 753 18.76 17.14 -15.95
CA PRO A 753 17.33 17.36 -16.22
C PRO A 753 16.40 16.34 -15.50
N TYR A 754 16.98 15.39 -14.77
CA TYR A 754 16.15 14.37 -14.09
C TYR A 754 15.85 14.92 -12.69
N PRO A 755 14.57 15.22 -12.37
CA PRO A 755 14.23 15.59 -11.01
C PRO A 755 14.72 14.63 -9.90
N SER A 756 14.68 13.32 -10.14
CA SER A 756 15.37 12.40 -9.19
C SER A 756 16.79 12.88 -8.85
N ASN A 757 17.54 13.37 -9.81
CA ASN A 757 18.90 13.90 -9.57
C ASN A 757 18.90 15.29 -8.87
N TRP A 758 18.18 16.26 -9.41
CA TRP A 758 18.29 17.55 -8.77
C TRP A 758 17.65 17.62 -7.38
N LEU A 759 16.59 16.85 -7.08
CA LEU A 759 16.12 16.75 -5.69
C LEU A 759 17.08 15.99 -4.81
N THR A 760 17.76 14.97 -5.35
CA THR A 760 18.82 14.33 -4.60
C THR A 760 19.88 15.34 -4.27
N SER A 761 20.23 16.24 -5.20
CA SER A 761 21.29 17.26 -4.90
C SER A 761 20.91 18.08 -3.68
N LEU A 762 19.62 18.44 -3.54
CA LEU A 762 19.16 19.15 -2.34
C LEU A 762 19.42 18.37 -1.09
N SER A 763 18.96 17.12 -1.01
CA SER A 763 19.06 16.41 0.31
C SER A 763 20.46 16.04 0.69
N VAL A 764 21.28 15.65 -0.26
CA VAL A 764 22.69 15.42 0.07
C VAL A 764 23.48 16.71 0.32
N SER A 765 23.01 17.84 -0.15
CA SER A 765 23.61 19.13 0.25
C SER A 765 23.40 19.51 1.70
N ALA A 766 22.60 18.73 2.43
CA ALA A 766 22.30 19.00 3.83
C ALA A 766 23.54 19.01 4.73
N TYR A 767 24.58 18.31 4.28
CA TYR A 767 25.83 18.20 5.02
C TYR A 767 26.81 19.34 4.68
N PHE A 768 26.38 20.33 3.91
CA PHE A 768 27.20 21.43 3.44
C PHE A 768 26.51 22.78 3.62
N ASP A 769 27.32 23.83 3.57
CA ASP A 769 26.82 25.22 3.68
C ASP A 769 26.00 25.71 2.45
N LYS A 770 26.10 24.99 1.35
CA LYS A 770 25.24 25.17 0.20
C LYS A 770 23.77 24.74 0.32
N TYR A 771 23.34 24.11 1.43
CA TYR A 771 21.94 23.58 1.50
C TYR A 771 20.91 24.63 1.12
N PHE A 772 21.02 25.80 1.76
CA PHE A 772 20.02 26.85 1.65
C PHE A 772 19.93 27.47 0.26
N GLU A 773 21.03 27.48 -0.50
CA GLU A 773 20.97 27.92 -1.91
C GLU A 773 20.32 26.86 -2.75
N LEU A 774 20.66 25.60 -2.51
CA LEU A 774 19.93 24.52 -3.25
C LEU A 774 18.45 24.45 -2.90
N TYR A 775 18.13 24.75 -1.66
CA TYR A 775 16.75 24.81 -1.22
C TYR A 775 16.01 25.78 -2.13
N ASP A 776 16.50 27.01 -2.18
CA ASP A 776 15.84 28.04 -3.03
C ASP A 776 15.82 27.64 -4.50
N LYS A 777 16.95 27.23 -5.06
CA LYS A 777 16.97 26.87 -6.46
C LYS A 777 15.96 25.72 -6.76
N THR A 778 15.96 24.65 -5.97
CA THR A 778 14.96 23.54 -6.25
C THR A 778 13.49 23.97 -5.95
N TYR A 779 13.32 24.90 -5.02
CA TYR A 779 11.96 25.48 -4.79
C TYR A 779 11.39 26.11 -6.07
N LYS A 780 12.21 26.98 -6.66
CA LYS A 780 11.89 27.64 -7.91
C LYS A 780 11.67 26.68 -9.07
N LEU A 781 12.50 25.66 -9.19
CA LEU A 781 12.22 24.57 -10.15
C LEU A 781 10.93 23.78 -9.88
N SER A 782 10.44 23.78 -8.63
CA SER A 782 9.28 22.93 -8.24
C SER A 782 7.95 23.65 -8.09
N LYS A 783 7.99 24.92 -7.71
CA LYS A 783 6.80 25.61 -7.21
C LYS A 783 5.66 25.74 -8.19
N ASP A 784 5.86 25.57 -9.50
CA ASP A 784 4.74 25.76 -10.44
C ASP A 784 4.05 24.46 -10.86
N ASP A 785 4.45 23.32 -10.28
CA ASP A 785 3.80 22.02 -10.52
C ASP A 785 3.40 21.48 -9.13
N GLU A 786 2.11 21.27 -8.94
CA GLU A 786 1.58 20.92 -7.63
C GLU A 786 2.26 19.64 -7.10
N LEU A 787 2.42 18.62 -7.96
CA LEU A 787 3.01 17.32 -7.52
C LEU A 787 4.52 17.37 -7.29
N LEU A 788 5.20 18.15 -8.07
CA LEU A 788 6.63 18.32 -7.94
C LEU A 788 6.94 19.11 -6.68
N LEU A 789 6.18 20.18 -6.42
CA LEU A 789 6.24 20.88 -5.09
C LEU A 789 6.02 19.97 -3.91
N GLN A 790 5.07 19.05 -4.03
CA GLN A 790 4.93 18.01 -3.02
C GLN A 790 6.17 17.12 -2.88
N GLU A 791 6.82 16.74 -3.98
CA GLU A 791 8.10 15.99 -3.88
C GLU A 791 9.20 16.81 -3.21
N TRP A 792 9.27 18.10 -3.55
CA TRP A 792 10.26 19.05 -2.93
C TRP A 792 10.02 19.12 -1.42
N LEU A 793 8.74 19.21 -1.03
CA LEU A 793 8.39 19.19 0.38
C LEU A 793 8.93 17.96 1.05
N LYS A 794 8.66 16.79 0.48
CA LYS A 794 9.13 15.53 1.06
C LYS A 794 10.66 15.56 1.16
N THR A 795 11.34 16.03 0.12
CA THR A 795 12.83 16.10 0.12
C THR A 795 13.36 17.01 1.25
N VAL A 796 12.74 18.14 1.41
CA VAL A 796 13.06 19.01 2.55
C VAL A 796 12.80 18.30 3.88
N SER A 797 11.62 17.68 3.99
CA SER A 797 11.21 17.04 5.25
C SER A 797 12.18 15.94 5.70
N ARG A 798 12.68 15.18 4.74
CA ARG A 798 13.66 14.12 5.06
C ARG A 798 15.11 14.57 5.01
N SER A 799 15.40 15.86 4.83
CA SER A 799 16.80 16.33 4.90
C SER A 799 17.48 16.05 6.26
N ASP A 800 18.76 15.61 6.24
CA ASP A 800 19.47 15.25 7.48
C ASP A 800 20.14 16.54 8.00
N ARG A 801 19.29 17.36 8.63
CA ARG A 801 19.62 18.67 9.10
C ARG A 801 19.43 18.72 10.57
N LYS A 802 20.38 19.40 11.22
CA LYS A 802 20.39 19.63 12.68
C LYS A 802 19.25 20.58 13.06
N ASP A 803 19.05 21.57 12.20
CA ASP A 803 18.03 22.60 12.32
C ASP A 803 16.68 22.21 11.66
N ILE A 804 16.38 20.91 11.55
CA ILE A 804 15.19 20.44 10.84
C ILE A 804 13.89 20.98 11.45
N TYR A 805 13.81 21.20 12.77
CA TYR A 805 12.59 21.80 13.37
C TYR A 805 12.29 23.25 12.89
N GLU A 806 13.34 24.04 12.78
CA GLU A 806 13.21 25.40 12.28
C GLU A 806 12.87 25.31 10.78
N ILE A 807 13.35 24.30 10.05
CA ILE A 807 13.00 24.17 8.64
C ILE A 807 11.52 23.77 8.46
N LEU A 808 11.02 22.84 9.27
CA LEU A 808 9.56 22.54 9.28
C LEU A 808 8.74 23.77 9.57
N LYS A 809 9.11 24.54 10.60
CA LYS A 809 8.39 25.78 10.88
C LYS A 809 8.37 26.73 9.64
N LYS A 810 9.49 26.86 8.95
CA LYS A 810 9.54 27.61 7.69
C LYS A 810 8.58 27.00 6.61
N LEU A 811 8.58 25.69 6.41
CA LEU A 811 7.60 25.08 5.52
C LEU A 811 6.16 25.34 5.91
N GLU A 812 5.86 25.23 7.19
CA GLU A 812 4.52 25.54 7.65
C GLU A 812 4.09 26.96 7.34
N ASN A 813 4.96 27.94 7.63
CA ASN A 813 4.62 29.37 7.47
C ASN A 813 4.57 29.83 6.03
N GLU A 814 5.40 29.25 5.17
CA GLU A 814 5.63 29.83 3.83
C GLU A 814 5.00 29.05 2.69
N VAL A 815 4.69 27.76 2.90
CA VAL A 815 4.31 26.84 1.80
C VAL A 815 3.09 26.00 2.16
N LEU A 816 3.14 25.26 3.24
CA LEU A 816 1.98 24.50 3.68
C LEU A 816 0.83 25.41 4.05
N LYS A 817 1.09 26.37 4.93
CA LYS A 817 0.07 27.22 5.56
C LYS A 817 -1.16 26.39 6.01
N ASP A 818 -2.37 26.75 5.58
CA ASP A 818 -3.55 26.05 6.12
C ASP A 818 -4.11 25.13 5.05
N SER A 819 -3.23 24.54 4.21
CA SER A 819 -3.69 23.54 3.20
C SER A 819 -4.43 22.38 3.89
N LYS A 820 -5.55 21.95 3.31
CA LYS A 820 -6.29 20.78 3.75
C LYS A 820 -6.09 19.61 2.79
N ASN A 821 -5.15 19.74 1.86
CA ASN A 821 -4.79 18.72 0.89
C ASN A 821 -3.99 17.67 1.65
N PRO A 822 -4.49 16.42 1.71
CA PRO A 822 -3.66 15.35 2.33
C PRO A 822 -2.26 15.18 1.74
N ASN A 823 -2.05 15.41 0.44
CA ASN A 823 -0.69 15.23 -0.12
C ASN A 823 0.29 16.19 0.47
N ASP A 824 -0.17 17.41 0.69
CA ASP A 824 0.67 18.49 1.26
C ASP A 824 1.00 18.20 2.71
N ILE A 825 -0.02 17.87 3.51
CA ILE A 825 0.18 17.49 4.91
C ILE A 825 1.16 16.30 5.10
N ARG A 826 0.94 15.20 4.39
CA ARG A 826 1.78 14.02 4.48
C ARG A 826 3.24 14.31 3.97
N ALA A 827 3.39 15.15 2.96
CA ALA A 827 4.69 15.48 2.40
C ALA A 827 5.53 16.30 3.40
N VAL A 828 4.91 17.19 4.17
CA VAL A 828 5.68 17.97 5.15
C VAL A 828 6.08 17.18 6.36
N TYR A 829 5.20 16.31 6.84
CA TYR A 829 5.44 15.65 8.13
C TYR A 829 5.93 14.23 8.13
N LEU A 830 5.44 13.43 7.20
CA LEU A 830 5.77 11.98 7.28
C LEU A 830 7.24 11.64 7.11
N PRO A 831 7.93 12.31 6.16
CA PRO A 831 9.35 11.95 5.99
C PRO A 831 10.21 12.30 7.21
N PHE A 832 9.99 13.47 7.76
CA PHE A 832 10.58 13.84 9.02
C PHE A 832 10.36 12.81 10.14
N THR A 833 9.19 12.18 10.23
CA THR A 833 8.99 11.20 11.33
C THR A 833 9.93 10.02 11.23
N ASN A 834 10.57 9.82 10.08
CA ASN A 834 11.51 8.74 9.92
C ASN A 834 12.91 9.20 10.17
N ASN A 835 13.09 10.41 10.72
CA ASN A 835 14.41 10.90 11.07
C ASN A 835 14.68 10.38 12.45
N LEU A 836 15.53 9.37 12.56
CA LEU A 836 15.68 8.61 13.81
C LEU A 836 16.18 9.45 14.92
N ARG A 837 17.17 10.31 14.67
CA ARG A 837 17.75 11.14 15.70
C ARG A 837 16.87 12.27 16.14
N ARG A 838 16.15 12.87 15.19
CA ARG A 838 15.44 14.12 15.46
C ARG A 838 14.01 13.90 15.87
N PHE A 839 13.30 13.07 15.13
CA PHE A 839 11.90 12.80 15.47
C PHE A 839 11.83 12.29 16.88
N HIS A 840 12.75 11.38 17.20
CA HIS A 840 12.87 10.82 18.53
C HIS A 840 13.73 11.57 19.53
N ASP A 841 13.92 12.87 19.35
CA ASP A 841 14.58 13.70 20.36
C ASP A 841 13.98 13.45 21.76
N ILE A 842 14.85 13.21 22.72
CA ILE A 842 14.53 12.86 24.10
C ILE A 842 13.64 13.87 24.86
N SER A 843 13.63 15.13 24.44
CA SER A 843 12.60 16.05 24.93
C SER A 843 11.12 15.65 24.62
N GLY A 844 10.89 14.85 23.56
CA GLY A 844 9.51 14.53 23.14
C GLY A 844 8.92 15.56 22.19
N LYS A 845 9.74 16.49 21.76
CA LYS A 845 9.24 17.61 21.00
C LYS A 845 8.75 17.14 19.63
N GLY A 846 9.33 16.06 19.10
CA GLY A 846 8.90 15.53 17.81
C GLY A 846 7.54 14.90 17.95
N TYR A 847 7.39 14.15 19.07
CA TYR A 847 6.12 13.48 19.41
C TYR A 847 5.02 14.51 19.59
N LYS A 848 5.35 15.59 20.28
CA LYS A 848 4.43 16.71 20.49
C LYS A 848 4.03 17.38 19.19
N LEU A 849 4.99 17.72 18.34
CA LEU A 849 4.67 18.29 17.04
C LEU A 849 3.70 17.43 16.19
N ILE A 850 3.97 16.13 16.05
CA ILE A 850 3.13 15.30 15.19
C ILE A 850 1.76 15.08 15.86
N ALA A 851 1.68 15.01 17.20
CA ALA A 851 0.39 14.86 17.84
C ALA A 851 -0.51 16.11 17.56
N GLU A 852 0.11 17.30 17.58
CA GLU A 852 -0.57 18.55 17.30
C GLU A 852 -1.16 18.47 15.89
N VAL A 853 -0.34 18.07 14.92
CA VAL A 853 -0.79 17.95 13.55
C VAL A 853 -1.94 16.96 13.40
N ILE A 854 -1.84 15.83 14.11
CA ILE A 854 -2.89 14.77 14.07
C ILE A 854 -4.17 15.34 14.56
N THR A 855 -4.12 16.00 15.72
CA THR A 855 -5.32 16.57 16.37
C THR A 855 -5.96 17.63 15.48
N LYS A 856 -5.15 18.52 14.90
CA LYS A 856 -5.61 19.54 13.93
C LYS A 856 -6.28 18.91 12.68
N THR A 857 -5.61 17.93 12.08
CA THR A 857 -6.13 17.23 10.93
C THR A 857 -7.45 16.50 11.22
N ASP A 858 -7.57 15.97 12.42
CA ASP A 858 -8.75 15.14 12.77
C ASP A 858 -10.03 15.95 12.79
N LYS A 859 -9.92 17.27 12.91
CA LYS A 859 -11.09 18.09 12.94
C LYS A 859 -11.79 18.22 11.58
N PHE A 860 -11.03 18.05 10.49
CA PHE A 860 -11.63 18.02 9.15
C PHE A 860 -11.42 16.71 8.33
N ASN A 861 -10.44 15.83 8.68
CA ASN A 861 -10.16 14.61 7.86
C ASN A 861 -9.69 13.52 8.78
N PRO A 862 -10.62 12.85 9.46
CA PRO A 862 -10.26 11.73 10.36
C PRO A 862 -9.40 10.64 9.70
N MET A 863 -9.61 10.33 8.42
CA MET A 863 -8.81 9.23 7.83
C MET A 863 -7.34 9.60 7.78
N VAL A 864 -7.09 10.83 7.36
CA VAL A 864 -5.71 11.29 7.22
C VAL A 864 -5.06 11.45 8.57
N ALA A 865 -5.86 11.87 9.57
CA ALA A 865 -5.35 12.00 10.94
C ALA A 865 -4.75 10.70 11.45
N THR A 866 -5.45 9.59 11.17
CA THR A 866 -4.98 8.28 11.61
C THR A 866 -3.78 7.82 10.81
N GLN A 867 -3.71 8.14 9.52
CA GLN A 867 -2.48 7.86 8.78
C GLN A 867 -1.29 8.54 9.44
N LEU A 868 -1.53 9.77 9.91
CA LEU A 868 -0.48 10.55 10.57
C LEU A 868 -0.03 10.02 11.93
N CYS A 869 -0.81 9.13 12.52
CA CYS A 869 -0.44 8.38 13.72
C CYS A 869 0.58 7.30 13.57
N GLU A 870 0.91 6.92 12.34
CA GLU A 870 1.79 5.78 12.07
C GLU A 870 3.14 5.71 12.85
N PRO A 871 3.89 6.83 12.98
CA PRO A 871 5.08 6.83 13.89
C PRO A 871 4.81 6.32 15.31
N PHE A 872 3.61 6.53 15.84
CA PHE A 872 3.29 6.02 17.21
C PHE A 872 3.12 4.51 17.30
N LYS A 873 3.03 3.79 16.18
CA LYS A 873 2.79 2.33 16.23
C LYS A 873 3.86 1.48 16.97
N LEU A 874 5.09 1.96 17.00
CA LEU A 874 6.19 1.24 17.66
C LEU A 874 6.38 1.71 19.12
N TRP A 875 5.43 2.50 19.70
CA TRP A 875 5.63 3.13 21.06
C TRP A 875 6.13 2.17 22.12
N ASN A 876 5.54 0.98 22.17
CA ASN A 876 5.87 0.01 23.24
C ASN A 876 7.14 -0.81 22.97
N LYS A 877 7.84 -0.50 21.89
CA LYS A 877 9.12 -1.09 21.59
C LYS A 877 10.24 -0.19 22.03
N LEU A 878 9.96 1.06 22.42
CA LEU A 878 11.05 1.96 22.80
C LEU A 878 11.49 1.85 24.25
N ASP A 879 12.64 2.47 24.51
CA ASP A 879 13.17 2.69 25.88
C ASP A 879 12.11 3.35 26.71
N THR A 880 12.17 3.23 28.02
CA THR A 880 10.98 3.47 28.82
C THR A 880 10.63 4.95 28.89
N LYS A 881 11.63 5.83 28.80
CA LYS A 881 11.37 7.27 28.73
C LYS A 881 10.60 7.66 27.43
N ARG A 882 11.06 7.19 26.27
CA ARG A 882 10.43 7.48 25.02
C ARG A 882 9.02 6.85 24.93
N GLN A 883 8.85 5.66 25.53
CA GLN A 883 7.57 5.03 25.67
C GLN A 883 6.60 5.88 26.43
N GLU A 884 7.04 6.39 27.59
CA GLU A 884 6.26 7.28 28.44
C GLU A 884 5.92 8.54 27.67
N LEU A 885 6.87 9.11 26.95
CA LEU A 885 6.59 10.38 26.18
C LEU A 885 5.54 10.14 25.02
N MET A 886 5.65 9.02 24.34
CA MET A 886 4.69 8.70 23.29
C MET A 886 3.33 8.43 23.90
N LEU A 887 3.25 7.68 24.98
CA LEU A 887 1.96 7.38 25.58
C LEU A 887 1.29 8.67 26.08
N ASN A 888 2.06 9.56 26.68
CA ASN A 888 1.51 10.82 27.06
C ASN A 888 0.88 11.57 25.90
N GLU A 889 1.58 11.69 24.76
CA GLU A 889 0.97 12.36 23.62
C GLU A 889 -0.30 11.64 23.15
N MET A 890 -0.28 10.30 23.18
CA MET A 890 -1.43 9.54 22.72
C MET A 890 -2.65 9.74 23.62
N ASN A 891 -2.44 9.81 24.91
CA ASN A 891 -3.54 10.00 25.86
C ASN A 891 -4.03 11.41 25.81
N THR A 892 -3.13 12.36 25.58
CA THR A 892 -3.56 13.72 25.28
C THR A 892 -4.49 13.78 24.04
N MET A 893 -4.12 13.13 22.94
CA MET A 893 -4.95 13.20 21.74
C MET A 893 -6.31 12.55 22.04
N LEU A 894 -6.30 11.44 22.75
CA LEU A 894 -7.55 10.77 23.15
C LEU A 894 -8.48 11.66 23.97
N GLN A 895 -7.93 12.63 24.69
CA GLN A 895 -8.74 13.60 25.45
C GLN A 895 -9.31 14.76 24.63
N GLU A 896 -8.91 14.94 23.38
CA GLU A 896 -9.42 16.03 22.61
C GLU A 896 -10.97 15.96 22.45
N PRO A 897 -11.66 17.10 22.67
CA PRO A 897 -13.09 17.09 22.45
C PRO A 897 -13.44 16.88 20.98
N ASN A 898 -14.51 16.12 20.76
CA ASN A 898 -14.99 15.76 19.44
C ASN A 898 -13.97 14.99 18.59
N ILE A 899 -13.02 14.28 19.23
CA ILE A 899 -12.22 13.28 18.55
C ILE A 899 -13.11 12.32 17.74
N SER A 900 -12.70 12.04 16.49
CA SER A 900 -13.43 11.19 15.62
C SER A 900 -13.43 9.76 16.12
N ASN A 901 -14.43 9.02 15.72
CA ASN A 901 -14.47 7.62 16.03
C ASN A 901 -13.25 6.88 15.44
N ASN A 902 -12.77 7.32 14.27
CA ASN A 902 -11.65 6.69 13.59
C ASN A 902 -10.38 6.81 14.40
N LEU A 903 -10.06 8.03 14.81
CA LEU A 903 -8.85 8.27 15.60
C LEU A 903 -8.96 7.61 16.99
N LYS A 904 -10.15 7.69 17.62
CA LYS A 904 -10.33 7.14 18.98
C LYS A 904 -10.13 5.67 18.98
N GLU A 905 -10.80 4.97 18.06
CA GLU A 905 -10.63 3.52 17.93
C GLU A 905 -9.11 3.16 17.74
N TYR A 906 -8.47 3.80 16.79
CA TYR A 906 -7.05 3.54 16.51
C TYR A 906 -6.22 3.70 17.76
N LEU A 907 -6.36 4.82 18.44
CA LEU A 907 -5.53 5.08 19.58
C LEU A 907 -5.88 4.16 20.78
N LEU A 908 -7.16 3.83 20.92
CA LEU A 908 -7.54 2.94 21.99
C LEU A 908 -6.96 1.58 21.76
N ARG A 909 -7.00 1.10 20.52
CA ARG A 909 -6.38 -0.20 20.23
C ARG A 909 -4.87 -0.16 20.44
N LEU A 910 -4.26 0.95 20.05
CA LEU A 910 -2.80 1.02 20.03
C LEU A 910 -2.26 1.11 21.44
N THR A 911 -3.06 1.67 22.35
CA THR A 911 -2.68 1.77 23.76
C THR A 911 -3.22 0.66 24.68
N ASN A 912 -3.60 -0.47 24.09
CA ASN A 912 -3.99 -1.65 24.88
C ASN A 912 -5.30 -1.47 25.67
N LYS A 913 -6.17 -0.56 25.24
CA LYS A 913 -7.42 -0.33 25.98
C LYS A 913 -8.62 -0.98 25.28
N LEU A 914 -8.53 -1.23 23.98
CA LEU A 914 -9.61 -1.85 23.26
C LEU A 914 -9.03 -3.01 22.45
ZN ZN B . -7.58 -1.93 -3.91
MG MG C . -24.86 17.75 5.57
MG MG D . -2.96 22.93 -3.63
MG MG E . 1.88 -1.40 -4.45
CL1 8L0 F . -1.23 7.97 -0.07
CD1 8L0 F . -1.87 6.44 0.51
CG1 8L0 F . -2.08 5.32 -0.31
CB 8L0 F . -2.62 4.15 0.23
CA 8L0 F . -2.83 2.93 -0.60
N 8L0 F . -4.21 2.30 -0.66
C5 8L0 F . -5.00 2.81 -1.71
O 8L0 F . -4.71 3.73 -2.43
N2 8L0 F . -6.30 2.49 -1.99
C6 8L0 F . -7.09 1.48 -1.50
C7 8L0 F . -8.21 1.87 -0.56
C8 8L0 F . -9.42 2.75 -0.82
C9 8L0 F . -10.68 2.35 -0.11
C10 8L0 F . -9.72 3.01 -2.24
C11 8L0 F . -7.37 0.59 -2.70
O2 8L0 F . -7.29 -0.61 -2.60
N3 8L0 F . -7.72 1.07 -3.92
O3 8L0 F . -8.05 0.04 -4.84
CG2 8L0 F . -2.92 4.11 1.59
C13 8L0 F . -2.72 5.21 2.41
C14 8L0 F . -2.21 6.37 1.86
#